data_1RLO
#
_entry.id   1RLO
#
_cell.length_a   71.276
_cell.length_b   91.195
_cell.length_c   176.415
_cell.angle_alpha   90.00
_cell.angle_beta   90.00
_cell.angle_gamma   90.00
#
_symmetry.space_group_name_H-M   'P 21 21 21'
#
loop_
_entity.id
_entity.type
_entity.pdbx_description
1 polymer Phosphatase
2 non-polymer 'MAGNESIUM ION'
3 non-polymer GLYCEROL
4 water water
#
_entity_poly.entity_id   1
_entity_poly.type   'polypeptide(L)'
_entity_poly.pdbx_seq_one_letter_code
;MAVKVIVT(BFD)MDGTFLNDAKTYNQPRFMAQYQELKKRGIKFVVASGNQYYQLISFFPELKDEISFVAENGALVYEHG
KQLFHGELTRHESRIVIGELLKDKQLNFVACGLQSAYVSENAPEAFVALMAKHYHRLKPVKDYQEIDDVLFKFSLNLPDE
QIPLVIDKLHVALDGIMKPVTSGFGFIDLIIPGLHKANGISRLLKRWDLSPQNVVAIGDSGNDAEMLKMARYSFAMGNAA
ENIKQIARYATDDNNHEGALNVIQAVLDNTYPFNS
;
_entity_poly.pdbx_strand_id   A,B,C,D
#
loop_
_chem_comp.id
_chem_comp.type
_chem_comp.name
_chem_comp.formula
GOL non-polymer GLYCEROL 'C3 H8 O3'
MG non-polymer 'MAGNESIUM ION' 'Mg 2'
#
# COMPACT_ATOMS: atom_id res chain seq x y z
N VAL A 3 18.70 7.76 -20.71
CA VAL A 3 17.23 7.69 -20.41
C VAL A 3 16.61 6.46 -21.05
N LYS A 4 15.92 5.65 -20.26
CA LYS A 4 15.28 4.44 -20.77
C LYS A 4 13.82 4.36 -20.32
N VAL A 5 13.44 5.26 -19.42
CA VAL A 5 12.08 5.29 -18.91
C VAL A 5 11.67 6.74 -18.63
N ILE A 6 10.46 7.10 -19.07
CA ILE A 6 9.93 8.43 -18.79
C ILE A 6 8.61 8.18 -18.07
N VAL A 7 8.48 8.74 -16.88
CA VAL A 7 7.28 8.58 -16.08
C VAL A 7 6.68 9.96 -15.84
N THR A 8 5.37 10.08 -15.97
CA THR A 8 4.73 11.36 -15.74
C THR A 8 3.50 11.27 -14.85
N BFD A 9 3.23 12.41 -14.00
CA BFD A 9 2.12 12.12 -13.34
C BFD A 9 1.02 13.22 -13.94
O BFD A 9 1.39 13.44 -15.24
CB BFD A 9 2.36 13.32 -12.03
CG BFD A 9 1.06 13.75 -11.36
OD1 BFD A 9 0.30 12.85 -10.97
OD2 BFD A 9 0.84 14.98 -11.35
BE BFD A 9 -1.13 12.92 -10.40
F1 BFD A 9 -1.17 12.01 -9.20
F2 BFD A 9 -1.56 14.30 -9.93
F3 BFD A 9 -2.10 12.43 -11.48
N MET A 10 -0.26 12.93 -13.75
CA MET A 10 -1.27 13.41 -14.65
C MET A 10 -1.86 14.75 -14.20
N ASP A 11 -2.58 14.76 -13.09
CA ASP A 11 -3.19 16.00 -12.61
C ASP A 11 -2.12 17.04 -12.28
N GLY A 12 -2.24 18.21 -12.91
CA GLY A 12 -1.29 19.28 -12.68
C GLY A 12 0.06 19.08 -13.34
N THR A 13 0.18 18.04 -14.16
CA THR A 13 1.43 17.75 -14.84
C THR A 13 1.25 17.56 -16.34
N PHE A 14 0.92 16.32 -16.71
CA PHE A 14 0.68 15.95 -18.12
C PHE A 14 -0.61 16.60 -18.65
N LEU A 15 -1.52 16.91 -17.73
CA LEU A 15 -2.81 17.52 -18.09
C LEU A 15 -2.85 18.99 -17.72
N ASN A 16 -3.44 19.82 -18.59
CA ASN A 16 -3.58 21.24 -18.30
C ASN A 16 -4.77 21.35 -17.34
N ASP A 17 -5.11 22.55 -16.92
CA ASP A 17 -6.22 22.71 -15.99
C ASP A 17 -7.56 22.23 -16.54
N ALA A 18 -7.69 22.19 -17.87
CA ALA A 18 -8.92 21.73 -18.49
C ALA A 18 -8.91 20.21 -18.62
N LYS A 19 -7.85 19.60 -18.10
CA LYS A 19 -7.67 18.15 -18.12
C LYS A 19 -7.50 17.54 -19.52
N THR A 20 -6.80 18.26 -20.40
CA THR A 20 -6.53 17.76 -21.74
C THR A 20 -5.04 17.92 -22.01
N TYR A 21 -4.58 17.35 -23.10
CA TYR A 21 -3.18 17.47 -23.51
C TYR A 21 -3.09 17.52 -25.03
N ASN A 22 -1.94 17.93 -25.54
CA ASN A 22 -1.72 18.02 -26.98
C ASN A 22 -1.46 16.62 -27.51
N GLN A 23 -2.53 15.95 -27.96
CA GLN A 23 -2.41 14.58 -28.46
C GLN A 23 -1.55 14.41 -29.71
N PRO A 24 -1.70 15.31 -30.70
CA PRO A 24 -0.86 15.14 -31.90
C PRO A 24 0.62 15.25 -31.56
N ARG A 25 0.98 16.26 -30.78
CA ARG A 25 2.38 16.43 -30.43
C ARG A 25 2.88 15.23 -29.63
N PHE A 26 2.13 14.81 -28.61
CA PHE A 26 2.54 13.67 -27.81
C PHE A 26 2.66 12.38 -28.61
N MET A 27 1.71 12.17 -29.52
CA MET A 27 1.72 10.95 -30.33
C MET A 27 3.00 10.87 -31.17
N ALA A 28 3.41 12.00 -31.73
CA ALA A 28 4.62 12.05 -32.53
C ALA A 28 5.83 11.76 -31.64
N GLN A 29 5.84 12.36 -30.45
CA GLN A 29 6.94 12.15 -29.51
C GLN A 29 7.01 10.69 -29.08
N TYR A 30 5.86 10.11 -28.80
CA TYR A 30 5.80 8.73 -28.35
C TYR A 30 6.35 7.76 -29.39
N GLN A 31 5.99 7.97 -30.66
CA GLN A 31 6.48 7.10 -31.72
C GLN A 31 8.00 7.14 -31.79
N GLU A 32 8.59 8.30 -31.52
CA GLU A 32 10.04 8.42 -31.53
C GLU A 32 10.63 7.71 -30.32
N LEU A 33 10.00 7.86 -29.16
CA LEU A 33 10.47 7.21 -27.95
C LEU A 33 10.45 5.69 -28.15
N LYS A 34 9.38 5.21 -28.78
CA LYS A 34 9.22 3.78 -29.04
C LYS A 34 10.34 3.30 -29.96
N LYS A 35 10.63 4.08 -30.99
CA LYS A 35 11.70 3.74 -31.93
C LYS A 35 13.02 3.63 -31.17
N ARG A 36 13.22 4.51 -30.20
CA ARG A 36 14.45 4.51 -29.41
C ARG A 36 14.43 3.50 -28.28
N GLY A 37 13.32 2.77 -28.16
CA GLY A 37 13.19 1.77 -27.12
C GLY A 37 13.07 2.35 -25.72
N ILE A 38 12.50 3.55 -25.63
CA ILE A 38 12.30 4.22 -24.34
C ILE A 38 10.86 3.96 -23.90
N LYS A 39 10.68 3.47 -22.68
CA LYS A 39 9.35 3.16 -22.16
C LYS A 39 8.66 4.39 -21.57
N PHE A 40 7.34 4.40 -21.65
CA PHE A 40 6.55 5.51 -21.12
C PHE A 40 5.65 4.99 -20.01
N VAL A 41 5.60 5.72 -18.90
CA VAL A 41 4.83 5.30 -17.75
C VAL A 41 3.96 6.41 -17.18
N VAL A 42 2.71 6.09 -16.87
CA VAL A 42 1.82 7.08 -16.26
C VAL A 42 1.65 6.67 -14.80
N ALA A 43 2.06 7.55 -13.89
CA ALA A 43 1.98 7.29 -12.45
C ALA A 43 1.09 8.40 -11.85
N SER A 44 -0.08 7.99 -11.38
CA SER A 44 -1.06 8.95 -10.84
C SER A 44 -1.90 8.36 -9.72
N GLY A 45 -2.53 9.23 -8.94
CA GLY A 45 -3.38 8.76 -7.88
C GLY A 45 -4.72 8.30 -8.44
N ASN A 46 -4.98 8.63 -9.71
CA ASN A 46 -6.24 8.24 -10.32
C ASN A 46 -6.44 6.74 -10.56
N GLN A 47 -7.70 6.34 -10.67
CA GLN A 47 -8.06 4.94 -10.90
C GLN A 47 -7.49 4.47 -12.24
N TYR A 48 -7.13 3.21 -12.32
CA TYR A 48 -6.56 2.63 -13.53
C TYR A 48 -7.50 2.88 -14.71
N TYR A 49 -8.79 2.61 -14.50
CA TYR A 49 -9.78 2.78 -15.55
C TYR A 49 -9.97 4.22 -16.00
N GLN A 50 -9.64 5.18 -15.14
CA GLN A 50 -9.75 6.59 -15.52
C GLN A 50 -8.49 6.93 -16.33
N LEU A 51 -7.34 6.41 -15.90
CA LEU A 51 -6.09 6.68 -16.60
C LEU A 51 -6.06 6.24 -18.06
N ILE A 52 -6.57 5.05 -18.36
CA ILE A 52 -6.55 4.58 -19.74
C ILE A 52 -7.49 5.36 -20.65
N SER A 53 -8.44 6.09 -20.07
CA SER A 53 -9.36 6.87 -20.88
C SER A 53 -8.61 8.02 -21.55
N PHE A 54 -7.43 8.33 -21.02
CA PHE A 54 -6.60 9.41 -21.58
C PHE A 54 -5.67 8.91 -22.68
N PHE A 55 -5.45 7.59 -22.77
CA PHE A 55 -4.58 7.03 -23.80
C PHE A 55 -5.25 5.85 -24.50
N PRO A 56 -6.46 6.06 -25.03
CA PRO A 56 -7.23 5.03 -25.73
C PRO A 56 -6.44 4.28 -26.79
N GLU A 57 -5.66 5.02 -27.56
CA GLU A 57 -4.87 4.43 -28.64
C GLU A 57 -3.57 3.77 -28.21
N LEU A 58 -3.11 4.05 -26.99
CA LEU A 58 -1.85 3.46 -26.53
C LEU A 58 -1.91 2.64 -25.25
N LYS A 59 -3.11 2.48 -24.69
CA LYS A 59 -3.35 1.75 -23.45
C LYS A 59 -2.58 0.43 -23.23
N ASP A 60 -2.44 -0.40 -24.26
CA ASP A 60 -1.73 -1.66 -24.10
C ASP A 60 -0.23 -1.57 -24.35
N GLU A 61 0.23 -0.41 -24.78
CA GLU A 61 1.66 -0.23 -25.05
C GLU A 61 2.40 0.45 -23.91
N ILE A 62 1.76 1.40 -23.25
CA ILE A 62 2.41 2.09 -22.14
C ILE A 62 2.08 1.40 -20.81
N SER A 63 2.78 1.79 -19.74
CA SER A 63 2.57 1.19 -18.43
C SER A 63 1.89 2.16 -17.47
N PHE A 64 1.20 1.62 -16.47
CA PHE A 64 0.51 2.45 -15.51
C PHE A 64 0.75 2.08 -14.05
N VAL A 65 1.00 3.13 -13.26
CA VAL A 65 1.13 3.02 -11.83
C VAL A 65 -0.06 3.83 -11.31
N ALA A 66 -1.20 3.17 -11.18
CA ALA A 66 -2.44 3.82 -10.75
C ALA A 66 -2.69 3.77 -9.24
N GLU A 67 -3.75 4.47 -8.82
CA GLU A 67 -4.14 4.51 -7.42
C GLU A 67 -2.98 4.92 -6.52
N ASN A 68 -2.25 5.94 -6.94
CA ASN A 68 -1.12 6.46 -6.20
C ASN A 68 -0.03 5.44 -5.94
N GLY A 69 -0.08 4.32 -6.67
CA GLY A 69 0.91 3.27 -6.51
C GLY A 69 0.38 1.89 -6.11
N ALA A 70 -0.92 1.79 -5.83
CA ALA A 70 -1.50 0.52 -5.39
C ALA A 70 -1.88 -0.46 -6.50
N LEU A 71 -1.88 0.00 -7.74
CA LEU A 71 -2.22 -0.88 -8.86
C LEU A 71 -1.25 -0.62 -10.00
N VAL A 72 -0.58 -1.66 -10.48
CA VAL A 72 0.39 -1.54 -11.55
C VAL A 72 0.09 -2.43 -12.77
N TYR A 73 0.11 -1.81 -13.95
CA TYR A 73 -0.13 -2.51 -15.21
C TYR A 73 1.08 -2.31 -16.12
N GLU A 74 1.41 -3.36 -16.87
CA GLU A 74 2.53 -3.29 -17.81
C GLU A 74 2.09 -4.00 -19.09
N HIS A 75 2.13 -3.28 -20.20
CA HIS A 75 1.71 -3.84 -21.49
C HIS A 75 0.31 -4.43 -21.47
N GLY A 76 -0.63 -3.67 -20.91
CA GLY A 76 -2.01 -4.13 -20.86
C GLY A 76 -2.32 -5.22 -19.85
N LYS A 77 -1.33 -5.67 -19.10
CA LYS A 77 -1.60 -6.71 -18.12
C LYS A 77 -1.29 -6.30 -16.69
N GLN A 78 -2.18 -6.66 -15.76
CA GLN A 78 -2.00 -6.34 -14.36
C GLN A 78 -0.73 -7.03 -13.88
N LEU A 79 0.12 -6.26 -13.22
CA LEU A 79 1.38 -6.78 -12.71
C LEU A 79 1.30 -6.97 -11.21
N PHE A 80 0.65 -6.04 -10.53
CA PHE A 80 0.55 -6.11 -9.08
C PHE A 80 -0.54 -5.20 -8.55
N HIS A 81 -1.13 -5.59 -7.43
CA HIS A 81 -2.12 -4.76 -6.77
C HIS A 81 -1.97 -4.93 -5.27
N GLY A 82 -2.15 -3.85 -4.53
CA GLY A 82 -2.03 -3.91 -3.09
C GLY A 82 -3.36 -4.36 -2.51
N GLU A 83 -3.38 -4.64 -1.21
CA GLU A 83 -4.61 -5.12 -0.56
C GLU A 83 -4.65 -4.87 0.93
N LEU A 84 -5.80 -4.44 1.42
CA LEU A 84 -6.01 -4.26 2.85
C LEU A 84 -6.67 -5.56 3.27
N THR A 85 -6.32 -6.12 4.41
CA THR A 85 -7.00 -7.33 4.86
C THR A 85 -8.43 -6.93 5.18
N ARG A 86 -9.33 -7.90 5.25
CA ARG A 86 -10.72 -7.58 5.56
C ARG A 86 -10.79 -6.83 6.90
N HIS A 87 -10.02 -7.29 7.88
CA HIS A 87 -10.01 -6.64 9.19
C HIS A 87 -9.49 -5.21 9.09
N GLU A 88 -8.45 -5.01 8.28
CA GLU A 88 -7.88 -3.67 8.11
C GLU A 88 -8.89 -2.70 7.50
N SER A 89 -9.57 -3.14 6.45
CA SER A 89 -10.55 -2.28 5.80
C SER A 89 -11.70 -1.96 6.74
N ARG A 90 -12.14 -2.94 7.52
CA ARG A 90 -13.23 -2.71 8.46
C ARG A 90 -12.83 -1.62 9.45
N ILE A 91 -11.60 -1.73 9.95
CA ILE A 91 -11.08 -0.77 10.93
C ILE A 91 -11.01 0.65 10.34
N VAL A 92 -10.43 0.78 9.16
CA VAL A 92 -10.31 2.08 8.51
C VAL A 92 -11.68 2.68 8.22
N ILE A 93 -12.58 1.88 7.66
CA ILE A 93 -13.92 2.39 7.35
C ILE A 93 -14.61 2.78 8.65
N GLY A 94 -14.50 1.92 9.65
CA GLY A 94 -15.13 2.22 10.94
C GLY A 94 -14.68 3.57 11.46
N GLU A 95 -13.39 3.86 11.33
CA GLU A 95 -12.83 5.11 11.81
C GLU A 95 -13.39 6.29 11.01
N LEU A 96 -13.43 6.16 9.69
CA LEU A 96 -13.94 7.22 8.82
C LEU A 96 -15.40 7.54 9.13
N LEU A 97 -16.16 6.50 9.46
CA LEU A 97 -17.58 6.66 9.77
C LEU A 97 -17.81 7.50 11.02
N LYS A 98 -16.78 7.64 11.84
CA LYS A 98 -16.88 8.42 13.07
C LYS A 98 -16.95 9.91 12.77
N ASP A 99 -16.54 10.30 11.56
CA ASP A 99 -16.57 11.70 11.15
C ASP A 99 -17.85 11.94 10.35
N LYS A 100 -18.79 12.68 10.94
CA LYS A 100 -20.08 12.96 10.32
C LYS A 100 -20.05 13.89 9.11
N GLN A 101 -19.07 14.78 9.03
CA GLN A 101 -19.01 15.72 7.91
C GLN A 101 -18.20 15.19 6.73
N LEU A 102 -17.68 13.97 6.87
CA LEU A 102 -16.86 13.38 5.83
C LEU A 102 -17.63 12.67 4.71
N ASN A 103 -17.15 12.86 3.50
CA ASN A 103 -17.66 12.18 2.33
C ASN A 103 -16.48 11.46 1.75
N PHE A 104 -16.59 10.18 1.45
CA PHE A 104 -15.41 9.49 0.92
C PHE A 104 -15.71 8.38 -0.05
N VAL A 105 -14.66 7.93 -0.73
CA VAL A 105 -14.76 6.86 -1.70
C VAL A 105 -13.84 5.71 -1.30
N ALA A 106 -14.33 4.50 -1.40
CA ALA A 106 -13.54 3.30 -1.13
C ALA A 106 -13.06 2.80 -2.49
N CYS A 107 -11.75 2.66 -2.64
CA CYS A 107 -11.17 2.26 -3.92
C CYS A 107 -10.76 0.80 -3.97
N GLY A 108 -11.33 0.07 -4.93
CA GLY A 108 -11.03 -1.35 -5.06
C GLY A 108 -10.45 -1.77 -6.40
N LEU A 109 -10.14 -3.05 -6.51
CA LEU A 109 -9.55 -3.62 -7.73
C LEU A 109 -10.48 -3.56 -8.93
N GLN A 110 -11.74 -3.94 -8.75
CA GLN A 110 -12.68 -3.95 -9.86
C GLN A 110 -13.41 -2.62 -10.06
N SER A 111 -13.57 -1.87 -8.98
CA SER A 111 -14.26 -0.57 -9.07
C SER A 111 -14.04 0.22 -7.80
N ALA A 112 -14.45 1.48 -7.80
CA ALA A 112 -14.40 2.33 -6.62
C ALA A 112 -15.84 2.35 -6.10
N TYR A 113 -16.03 2.75 -4.85
CA TYR A 113 -17.37 2.75 -4.29
C TYR A 113 -17.66 3.99 -3.45
N VAL A 114 -18.92 4.43 -3.49
CA VAL A 114 -19.35 5.60 -2.74
C VAL A 114 -20.78 5.41 -2.25
N SER A 115 -21.10 5.96 -1.08
CA SER A 115 -22.45 5.82 -0.54
C SER A 115 -23.50 6.33 -1.53
N GLU A 116 -24.64 5.65 -1.60
CA GLU A 116 -25.69 6.11 -2.50
C GLU A 116 -26.24 7.44 -1.97
N ASN A 117 -25.94 7.75 -0.71
CA ASN A 117 -26.42 8.98 -0.09
C ASN A 117 -25.44 10.15 -0.06
N ALA A 118 -24.24 9.97 -0.61
CA ALA A 118 -23.26 11.05 -0.63
C ALA A 118 -23.79 12.14 -1.56
N PRO A 119 -23.57 13.43 -1.22
CA PRO A 119 -24.05 14.55 -2.05
C PRO A 119 -23.62 14.37 -3.50
N GLU A 120 -24.51 14.74 -4.43
CA GLU A 120 -24.20 14.59 -5.85
C GLU A 120 -22.95 15.32 -6.29
N ALA A 121 -22.75 16.52 -5.76
CA ALA A 121 -21.59 17.33 -6.10
C ALA A 121 -20.28 16.58 -5.84
N PHE A 122 -20.20 15.90 -4.69
CA PHE A 122 -19.01 15.14 -4.35
C PHE A 122 -18.84 13.97 -5.30
N VAL A 123 -19.92 13.22 -5.52
CA VAL A 123 -19.88 12.07 -6.41
C VAL A 123 -19.45 12.49 -7.82
N ALA A 124 -19.96 13.63 -8.28
CA ALA A 124 -19.62 14.15 -9.61
C ALA A 124 -18.13 14.45 -9.73
N LEU A 125 -17.52 14.96 -8.66
CA LEU A 125 -16.10 15.27 -8.69
C LEU A 125 -15.29 13.98 -8.72
N MET A 126 -15.67 13.02 -7.87
CA MET A 126 -14.97 11.74 -7.81
C MET A 126 -15.09 10.95 -9.12
N ALA A 127 -16.22 11.12 -9.79
CA ALA A 127 -16.46 10.43 -11.06
C ALA A 127 -15.47 10.90 -12.12
N LYS A 128 -14.84 12.05 -11.88
CA LYS A 128 -13.85 12.57 -12.82
C LYS A 128 -12.51 11.86 -12.61
N HIS A 129 -12.38 11.14 -11.51
CA HIS A 129 -11.13 10.46 -11.21
C HIS A 129 -11.29 8.94 -11.09
N TYR A 130 -12.54 8.51 -10.96
CA TYR A 130 -12.85 7.10 -10.87
C TYR A 130 -13.96 6.84 -11.89
N HIS A 131 -13.61 6.32 -13.06
CA HIS A 131 -14.63 6.07 -14.09
C HIS A 131 -15.49 4.86 -13.76
N ARG A 132 -14.98 4.01 -12.92
CA ARG A 132 -15.73 2.88 -12.42
C ARG A 132 -16.04 3.25 -10.97
N LEU A 133 -17.21 3.81 -10.77
CA LEU A 133 -17.65 4.27 -9.45
C LEU A 133 -19.05 3.79 -9.17
N LYS A 134 -19.18 2.88 -8.22
CA LYS A 134 -20.47 2.29 -7.90
C LYS A 134 -21.06 2.70 -6.57
N PRO A 135 -22.34 3.12 -6.58
CA PRO A 135 -23.05 3.54 -5.37
C PRO A 135 -23.33 2.30 -4.52
N VAL A 136 -23.12 2.39 -3.21
CA VAL A 136 -23.40 1.25 -2.35
C VAL A 136 -24.29 1.68 -1.19
N LYS A 137 -24.93 0.72 -0.55
CA LYS A 137 -25.81 1.04 0.57
C LYS A 137 -25.02 1.02 1.87
N ASP A 138 -23.84 0.41 1.83
CA ASP A 138 -23.00 0.33 3.01
C ASP A 138 -21.54 0.08 2.63
N TYR A 139 -20.62 0.79 3.27
CA TYR A 139 -19.20 0.66 2.99
C TYR A 139 -18.57 -0.63 3.51
N GLN A 140 -19.21 -1.28 4.49
CA GLN A 140 -18.65 -2.49 5.08
C GLN A 140 -18.93 -3.81 4.35
N GLU A 141 -19.90 -3.84 3.45
CA GLU A 141 -20.22 -5.07 2.74
C GLU A 141 -19.78 -5.04 1.28
N ILE A 142 -18.54 -4.63 1.03
CA ILE A 142 -18.06 -4.55 -0.34
C ILE A 142 -17.32 -5.81 -0.77
N ASP A 143 -17.79 -6.39 -1.87
CA ASP A 143 -17.17 -7.60 -2.41
C ASP A 143 -16.13 -7.23 -3.46
N ASP A 144 -14.97 -6.89 -2.98
CA ASP A 144 -13.85 -6.44 -3.79
C ASP A 144 -12.66 -6.33 -2.84
N VAL A 145 -11.44 -6.25 -3.37
CA VAL A 145 -10.31 -6.03 -2.52
C VAL A 145 -10.11 -4.53 -2.53
N LEU A 146 -9.94 -3.92 -1.35
CA LEU A 146 -9.77 -2.48 -1.26
C LEU A 146 -8.30 -2.15 -1.01
N PHE A 147 -7.82 -1.08 -1.63
CA PHE A 147 -6.43 -0.68 -1.45
C PHE A 147 -6.22 0.83 -1.32
N LYS A 148 -7.29 1.59 -1.24
CA LYS A 148 -7.16 3.05 -1.10
C LYS A 148 -8.51 3.66 -0.77
N PHE A 149 -8.46 4.88 -0.25
CA PHE A 149 -9.65 5.65 0.09
C PHE A 149 -9.35 7.08 -0.36
N SER A 150 -10.39 7.81 -0.75
CA SER A 150 -10.23 9.19 -1.17
C SER A 150 -11.24 9.98 -0.34
N LEU A 151 -10.76 10.95 0.43
CA LEU A 151 -11.62 11.75 1.32
C LEU A 151 -11.90 13.16 0.77
N ASN A 152 -13.04 13.74 1.15
CA ASN A 152 -13.34 15.08 0.66
C ASN A 152 -12.66 16.19 1.45
N LEU A 153 -11.60 15.83 2.18
CA LEU A 153 -10.85 16.80 2.97
C LEU A 153 -9.75 17.43 2.10
N PRO A 154 -9.62 18.77 2.15
CA PRO A 154 -8.60 19.48 1.35
C PRO A 154 -7.22 18.95 1.76
N ASP A 155 -6.31 18.81 0.80
CA ASP A 155 -5.00 18.27 1.17
C ASP A 155 -4.22 19.24 2.03
N GLU A 156 -4.62 20.51 2.01
CA GLU A 156 -3.96 21.52 2.82
C GLU A 156 -4.05 21.12 4.30
N GLN A 157 -5.05 20.31 4.63
CA GLN A 157 -5.26 19.87 6.01
C GLN A 157 -4.48 18.60 6.38
N ILE A 158 -3.71 18.05 5.45
CA ILE A 158 -2.94 16.84 5.75
C ILE A 158 -2.24 17.00 7.10
N PRO A 159 -1.40 18.01 7.27
CA PRO A 159 -0.68 18.30 8.52
C PRO A 159 -1.59 18.16 9.74
N LEU A 160 -2.78 18.74 9.73
CA LEU A 160 -3.59 18.51 10.91
C LEU A 160 -4.09 17.05 10.92
N VAL A 161 -4.02 16.36 9.81
CA VAL A 161 -4.61 15.03 9.74
C VAL A 161 -3.73 13.81 10.05
N ILE A 162 -2.44 13.85 9.70
CA ILE A 162 -1.54 12.73 9.94
C ILE A 162 -1.53 12.21 11.38
N ASP A 163 -1.41 13.13 12.33
CA ASP A 163 -1.37 12.75 13.74
C ASP A 163 -2.64 12.08 14.20
N LYS A 164 -3.78 12.64 13.83
CA LYS A 164 -5.07 12.10 14.21
C LYS A 164 -5.20 10.68 13.62
N LEU A 165 -4.83 10.56 12.35
CA LEU A 165 -4.90 9.29 11.63
C LEU A 165 -3.87 8.29 12.13
N HIS A 166 -2.68 8.78 12.45
CA HIS A 166 -1.62 7.90 12.93
C HIS A 166 -2.06 7.11 14.15
N VAL A 167 -2.72 7.76 15.08
CA VAL A 167 -3.17 7.11 16.30
C VAL A 167 -4.46 6.32 16.10
N ALA A 168 -5.33 6.82 15.23
CA ALA A 168 -6.61 6.16 14.97
C ALA A 168 -6.46 4.94 14.05
N LEU A 169 -5.58 5.05 13.06
CA LEU A 169 -5.36 3.96 12.12
C LEU A 169 -4.02 3.25 12.33
N ASP A 170 -3.08 3.96 12.94
CA ASP A 170 -1.75 3.42 13.25
C ASP A 170 -0.93 2.77 12.13
N GLY A 171 -0.80 3.44 11.01
CA GLY A 171 0.04 2.87 9.98
C GLY A 171 -0.66 1.89 9.04
N ILE A 172 -1.92 1.58 9.31
CA ILE A 172 -2.65 0.73 8.38
C ILE A 172 -2.64 1.50 7.05
N MET A 173 -2.83 2.80 7.15
CA MET A 173 -2.82 3.68 5.98
C MET A 173 -2.28 5.05 6.38
N LYS A 174 -1.83 5.81 5.38
CA LYS A 174 -1.27 7.14 5.59
C LYS A 174 -1.89 8.11 4.59
N PRO A 175 -2.09 9.37 5.00
CA PRO A 175 -2.68 10.36 4.11
C PRO A 175 -1.64 11.01 3.20
N VAL A 176 -2.03 11.25 1.96
CA VAL A 176 -1.18 11.89 0.96
C VAL A 176 -2.11 12.62 0.01
N THR A 177 -1.62 13.58 -0.75
CA THR A 177 -2.52 14.27 -1.66
C THR A 177 -3.00 13.34 -2.77
N SER A 178 -4.24 13.54 -3.21
CA SER A 178 -4.82 12.72 -4.28
C SER A 178 -4.30 13.16 -5.63
N GLY A 179 -3.71 14.36 -5.67
CA GLY A 179 -3.21 14.88 -6.92
C GLY A 179 -4.20 15.89 -7.49
N PHE A 180 -5.42 15.91 -6.95
CA PHE A 180 -6.41 16.87 -7.42
C PHE A 180 -7.01 17.72 -6.31
N GLY A 181 -6.20 17.99 -5.28
CA GLY A 181 -6.65 18.84 -4.19
C GLY A 181 -7.19 18.21 -2.92
N PHE A 182 -7.33 16.89 -2.89
CA PHE A 182 -7.87 16.26 -1.70
C PHE A 182 -7.04 15.14 -1.11
N ILE A 183 -7.55 14.54 -0.02
CA ILE A 183 -6.75 13.53 0.68
C ILE A 183 -7.03 12.07 0.35
N ASP A 184 -5.96 11.36 0.00
CA ASP A 184 -5.97 9.95 -0.27
C ASP A 184 -5.40 9.23 0.96
N LEU A 185 -5.93 8.06 1.29
CA LEU A 185 -5.42 7.27 2.36
C LEU A 185 -4.79 6.08 1.67
N ILE A 186 -3.48 5.92 1.75
CA ILE A 186 -2.83 4.80 1.07
C ILE A 186 -2.10 3.85 2.03
N ILE A 187 -1.89 2.63 1.60
CA ILE A 187 -1.13 1.63 2.34
C ILE A 187 0.31 2.16 2.36
N PRO A 188 0.90 2.32 3.55
CA PRO A 188 2.27 2.83 3.63
C PRO A 188 3.25 2.01 2.79
N GLY A 189 4.03 2.69 1.96
CA GLY A 189 5.01 2.00 1.13
C GLY A 189 4.54 1.79 -0.30
N LEU A 190 3.23 1.85 -0.53
CA LEU A 190 2.71 1.66 -1.87
C LEU A 190 2.56 2.98 -2.62
N HIS A 191 3.63 3.76 -2.67
CA HIS A 191 3.65 5.04 -3.36
C HIS A 191 4.13 4.83 -4.80
N LYS A 192 4.13 5.90 -5.59
CA LYS A 192 4.53 5.80 -6.99
C LYS A 192 5.91 5.24 -7.24
N ALA A 193 6.89 5.61 -6.41
CA ALA A 193 8.26 5.12 -6.58
C ALA A 193 8.30 3.61 -6.41
N ASN A 194 7.51 3.10 -5.46
CA ASN A 194 7.44 1.67 -5.19
C ASN A 194 6.79 0.99 -6.41
N GLY A 195 5.77 1.61 -6.97
CA GLY A 195 5.12 1.05 -8.14
C GLY A 195 6.07 1.04 -9.33
N ILE A 196 6.82 2.13 -9.48
CA ILE A 196 7.76 2.25 -10.59
C ILE A 196 8.89 1.21 -10.45
N SER A 197 9.28 0.92 -9.23
CA SER A 197 10.33 -0.06 -8.99
C SER A 197 9.96 -1.45 -9.49
N ARG A 198 8.68 -1.79 -9.39
CA ARG A 198 8.20 -3.09 -9.86
C ARG A 198 8.41 -3.23 -11.36
N LEU A 199 8.16 -2.15 -12.09
CA LEU A 199 8.34 -2.15 -13.53
C LEU A 199 9.83 -2.20 -13.86
N LEU A 200 10.62 -1.38 -13.18
CA LEU A 200 12.06 -1.35 -13.43
C LEU A 200 12.68 -2.74 -13.20
N LYS A 201 12.28 -3.39 -12.12
CA LYS A 201 12.78 -4.71 -11.79
C LYS A 201 12.46 -5.69 -12.90
N ARG A 202 11.23 -5.62 -13.42
CA ARG A 202 10.83 -6.50 -14.51
C ARG A 202 11.57 -6.20 -15.80
N TRP A 203 11.94 -4.94 -16.01
CA TRP A 203 12.64 -4.55 -17.23
C TRP A 203 14.14 -4.61 -17.03
N ASP A 204 14.58 -4.89 -15.81
CA ASP A 204 15.99 -4.98 -15.49
C ASP A 204 16.70 -3.64 -15.73
N LEU A 205 16.05 -2.56 -15.30
CA LEU A 205 16.60 -1.21 -15.44
C LEU A 205 16.71 -0.61 -14.03
N SER A 206 17.35 0.55 -13.91
CA SER A 206 17.51 1.18 -12.61
C SER A 206 17.04 2.63 -12.61
N PRO A 207 16.85 3.21 -11.43
CA PRO A 207 16.41 4.60 -11.28
C PRO A 207 17.31 5.51 -12.10
N GLN A 208 18.51 5.01 -12.37
CA GLN A 208 19.53 5.71 -13.13
C GLN A 208 19.06 6.09 -14.53
N ASN A 209 18.17 5.27 -15.08
CA ASN A 209 17.66 5.49 -16.44
C ASN A 209 16.26 6.12 -16.43
N VAL A 210 15.83 6.59 -15.27
CA VAL A 210 14.46 7.14 -15.15
C VAL A 210 14.35 8.67 -15.18
N VAL A 211 13.34 9.12 -15.88
CA VAL A 211 12.91 10.49 -15.98
C VAL A 211 11.55 10.53 -15.33
N ALA A 212 11.35 11.39 -14.35
CA ALA A 212 10.04 11.50 -13.69
C ALA A 212 9.62 12.97 -13.65
N ILE A 213 8.32 13.20 -13.84
CA ILE A 213 7.76 14.55 -13.87
C ILE A 213 6.56 14.62 -12.92
N GLY A 214 6.56 15.61 -12.03
CA GLY A 214 5.46 15.74 -11.08
C GLY A 214 5.20 17.16 -10.62
N ASP A 215 4.19 17.33 -9.77
CA ASP A 215 3.80 18.65 -9.27
C ASP A 215 3.34 18.70 -7.82
N SER A 216 2.97 17.56 -7.24
CA SER A 216 2.47 17.59 -5.87
C SER A 216 3.08 16.56 -4.94
N GLY A 217 2.63 16.61 -3.69
CA GLY A 217 3.12 15.71 -2.65
C GLY A 217 3.14 14.23 -2.95
N ASN A 218 2.18 13.72 -3.71
CA ASN A 218 2.16 12.30 -4.02
C ASN A 218 3.26 11.91 -5.00
N ASP A 219 4.06 12.89 -5.44
CA ASP A 219 5.16 12.63 -6.36
C ASP A 219 6.53 12.68 -5.65
N ALA A 220 6.52 12.94 -4.35
CA ALA A 220 7.78 13.06 -3.61
C ALA A 220 8.77 11.89 -3.78
N GLU A 221 8.36 10.68 -3.44
CA GLU A 221 9.29 9.56 -3.57
C GLU A 221 9.65 9.22 -5.01
N MET A 222 8.75 9.48 -5.94
CA MET A 222 9.05 9.21 -7.34
C MET A 222 10.17 10.14 -7.82
N LEU A 223 10.04 11.42 -7.50
CA LEU A 223 11.02 12.43 -7.91
C LEU A 223 12.34 12.31 -7.19
N LYS A 224 12.30 11.85 -5.94
CA LYS A 224 13.52 11.68 -5.16
C LYS A 224 14.27 10.46 -5.70
N MET A 225 13.53 9.50 -6.21
CA MET A 225 14.12 8.27 -6.75
C MET A 225 14.76 8.39 -8.12
N ALA A 226 14.10 9.10 -9.03
CA ALA A 226 14.59 9.25 -10.41
C ALA A 226 15.83 10.12 -10.56
N ARG A 227 16.74 9.70 -11.44
CA ARG A 227 17.95 10.48 -11.66
C ARG A 227 17.58 11.82 -12.29
N TYR A 228 16.68 11.80 -13.27
CA TYR A 228 16.24 13.02 -13.94
C TYR A 228 14.86 13.43 -13.45
N SER A 229 14.81 14.06 -12.28
CA SER A 229 13.56 14.50 -11.66
C SER A 229 13.19 15.91 -12.06
N PHE A 230 11.95 16.09 -12.53
CA PHE A 230 11.46 17.39 -12.96
C PHE A 230 10.20 17.84 -12.21
N ALA A 231 10.21 19.09 -11.76
CA ALA A 231 9.05 19.67 -11.08
C ALA A 231 8.38 20.65 -12.04
N MET A 232 7.06 20.52 -12.21
CA MET A 232 6.33 21.42 -13.10
C MET A 232 6.46 22.85 -12.57
N GLY A 233 6.28 23.82 -13.46
CA GLY A 233 6.38 25.22 -13.05
C GLY A 233 5.38 25.55 -11.98
N ASN A 234 4.25 24.84 -11.99
CA ASN A 234 3.18 25.04 -11.03
C ASN A 234 3.33 24.13 -9.80
N ALA A 235 4.42 23.37 -9.75
CA ALA A 235 4.64 22.45 -8.64
C ALA A 235 4.72 23.12 -7.27
N ALA A 236 4.35 22.36 -6.23
CA ALA A 236 4.39 22.85 -4.86
C ALA A 236 5.85 23.11 -4.51
N GLU A 237 6.09 23.96 -3.52
CA GLU A 237 7.46 24.29 -3.10
C GLU A 237 8.33 23.10 -2.75
N ASN A 238 7.87 22.24 -1.86
CA ASN A 238 8.68 21.09 -1.47
C ASN A 238 8.99 20.18 -2.66
N ILE A 239 8.14 20.20 -3.68
CA ILE A 239 8.38 19.38 -4.86
C ILE A 239 9.47 20.01 -5.72
N LYS A 240 9.46 21.34 -5.85
CA LYS A 240 10.50 22.00 -6.64
C LYS A 240 11.84 21.81 -5.94
N GLN A 241 11.80 21.68 -4.62
CA GLN A 241 13.02 21.49 -3.84
C GLN A 241 13.56 20.09 -4.06
N ILE A 242 12.67 19.10 -4.06
CA ILE A 242 13.08 17.71 -4.24
C ILE A 242 13.59 17.42 -5.65
N ALA A 243 12.90 17.93 -6.66
CA ALA A 243 13.29 17.69 -8.04
C ALA A 243 14.57 18.42 -8.40
N ARG A 244 15.41 17.78 -9.22
CA ARG A 244 16.66 18.40 -9.63
C ARG A 244 16.45 19.44 -10.72
N TYR A 245 15.49 19.16 -11.60
CA TYR A 245 15.24 20.04 -12.73
C TYR A 245 13.85 20.67 -12.77
N ALA A 246 13.70 21.68 -13.62
CA ALA A 246 12.45 22.38 -13.76
C ALA A 246 11.95 22.39 -15.19
N THR A 247 10.67 22.69 -15.35
CA THR A 247 10.08 22.78 -16.69
C THR A 247 8.88 23.73 -16.60
N ASP A 248 8.26 24.04 -17.73
CA ASP A 248 7.12 24.95 -17.76
C ASP A 248 5.92 24.36 -17.02
N ASP A 249 4.90 25.19 -16.76
CA ASP A 249 3.73 24.70 -16.04
C ASP A 249 2.81 23.84 -16.89
N ASN A 250 1.87 23.16 -16.24
CA ASN A 250 0.96 22.24 -16.94
C ASN A 250 0.07 22.84 -18.03
N ASN A 251 -0.06 24.16 -18.06
CA ASN A 251 -0.88 24.79 -19.09
C ASN A 251 -0.02 25.21 -20.27
N HIS A 252 1.27 24.92 -20.18
CA HIS A 252 2.20 25.26 -21.25
C HIS A 252 2.99 24.06 -21.71
N GLU A 253 2.33 22.90 -21.67
CA GLU A 253 2.93 21.64 -22.11
C GLU A 253 4.26 21.36 -21.43
N GLY A 254 4.34 21.70 -20.14
CA GLY A 254 5.56 21.47 -19.39
C GLY A 254 6.10 20.04 -19.47
N ALA A 255 5.22 19.06 -19.38
CA ALA A 255 5.68 17.67 -19.43
C ALA A 255 6.15 17.29 -20.82
N LEU A 256 5.46 17.78 -21.85
CA LEU A 256 5.86 17.46 -23.21
C LEU A 256 7.21 18.09 -23.53
N ASN A 257 7.51 19.22 -22.91
CA ASN A 257 8.79 19.88 -23.15
C ASN A 257 9.94 19.06 -22.54
N VAL A 258 9.65 18.29 -21.47
CA VAL A 258 10.70 17.45 -20.88
C VAL A 258 10.97 16.32 -21.86
N ILE A 259 9.90 15.76 -22.42
CA ILE A 259 10.03 14.68 -23.38
C ILE A 259 10.85 15.18 -24.58
N GLN A 260 10.60 16.43 -24.97
CA GLN A 260 11.31 17.01 -26.11
C GLN A 260 12.80 17.14 -25.81
N ALA A 261 13.11 17.48 -24.56
CA ALA A 261 14.50 17.64 -24.14
C ALA A 261 15.22 16.30 -24.28
N VAL A 262 14.50 15.22 -23.98
CA VAL A 262 15.10 13.89 -24.09
C VAL A 262 15.37 13.56 -25.57
N LEU A 263 14.37 13.77 -26.41
CA LEU A 263 14.50 13.49 -27.83
C LEU A 263 15.59 14.31 -28.52
N ASP A 264 15.67 15.60 -28.19
CA ASP A 264 16.68 16.46 -28.80
C ASP A 264 17.95 16.57 -27.97
N ASN A 265 18.00 15.82 -26.88
CA ASN A 265 19.16 15.82 -25.99
C ASN A 265 19.64 17.23 -25.64
N THR A 266 18.75 18.02 -25.06
CA THR A 266 19.10 19.37 -24.67
C THR A 266 19.24 19.33 -23.16
N TYR A 267 19.41 20.49 -22.53
CA TYR A 267 19.56 20.51 -21.10
C TYR A 267 18.39 19.76 -20.45
N PRO A 268 18.64 18.99 -19.41
CA PRO A 268 19.75 18.56 -18.59
C PRO A 268 20.54 17.33 -19.06
N PHE A 269 19.97 16.65 -20.07
CA PHE A 269 20.58 15.45 -20.70
C PHE A 269 21.91 15.69 -21.41
N ASN A 270 22.26 16.97 -21.60
CA ASN A 270 23.53 17.45 -22.18
C ASN A 270 23.33 17.97 -23.61
N VAL B 3 -28.43 70.93 44.93
CA VAL B 3 -29.38 69.84 44.57
C VAL B 3 -30.78 70.16 45.08
N LYS B 4 -31.76 70.20 44.17
CA LYS B 4 -33.14 70.48 44.54
C LYS B 4 -34.06 69.34 44.11
N VAL B 5 -33.52 68.45 43.27
CA VAL B 5 -34.29 67.33 42.77
C VAL B 5 -33.43 66.08 42.59
N ILE B 6 -33.94 64.94 43.03
CA ILE B 6 -33.22 63.69 42.85
C ILE B 6 -34.16 62.77 42.08
N VAL B 7 -33.73 62.35 40.89
CA VAL B 7 -34.52 61.48 40.04
C VAL B 7 -33.85 60.11 39.93
N THR B 8 -34.64 59.05 40.09
CA THR B 8 -34.05 57.73 39.98
C THR B 8 -34.85 56.77 39.11
N BFD B 9 -34.13 55.90 38.41
CA BFD B 9 -34.75 54.88 37.59
C BFD B 9 -35.06 53.76 38.60
O BFD B 9 -34.59 53.83 39.75
CB BFD B 9 -33.77 54.41 36.51
CG BFD B 9 -34.24 53.13 35.83
OD1 BFD B 9 -35.38 53.12 35.35
OD2 BFD B 9 -33.45 52.17 35.90
BE BFD B 9 -36.17 51.96 34.75
F1 BFD B 9 -36.80 52.42 33.45
F2 BFD B 9 -35.34 50.73 34.42
F3 BFD B 9 -37.22 51.58 35.77
N MET B 10 -35.83 52.76 38.20
CA MET B 10 -36.19 51.66 39.10
C MET B 10 -35.48 50.34 38.79
N ASP B 11 -35.84 49.72 37.67
CA ASP B 11 -35.24 48.46 37.25
C ASP B 11 -33.73 48.62 37.01
N GLY B 12 -32.93 47.86 37.76
CA GLY B 12 -31.49 47.93 37.62
C GLY B 12 -30.87 49.16 38.24
N THR B 13 -31.70 49.94 38.92
CA THR B 13 -31.23 51.16 39.57
C THR B 13 -31.65 51.21 41.01
N PHE B 14 -32.86 51.71 41.28
CA PHE B 14 -33.38 51.84 42.67
C PHE B 14 -33.74 50.47 43.26
N LEU B 15 -34.07 49.53 42.38
CA LEU B 15 -34.44 48.17 42.79
C LEU B 15 -33.30 47.18 42.57
N ASN B 16 -33.14 46.21 43.46
CA ASN B 16 -32.11 45.20 43.26
C ASN B 16 -32.68 44.16 42.30
N ASP B 17 -31.94 43.08 42.05
CA ASP B 17 -32.42 42.07 41.11
C ASP B 17 -33.69 41.35 41.57
N ALA B 18 -33.93 41.33 42.88
CA ALA B 18 -35.11 40.67 43.44
C ALA B 18 -36.30 41.63 43.46
N LYS B 19 -36.06 42.85 42.94
CA LYS B 19 -37.08 43.89 42.86
C LYS B 19 -37.49 44.51 44.19
N THR B 20 -36.56 44.58 45.15
CA THR B 20 -36.87 45.18 46.43
C THR B 20 -35.84 46.26 46.77
N TYR B 21 -36.06 46.99 47.86
CA TYR B 21 -35.09 48.00 48.27
C TYR B 21 -35.10 48.13 49.78
N ASN B 22 -34.08 48.79 50.32
CA ASN B 22 -33.96 49.00 51.78
C ASN B 22 -34.97 50.08 52.18
N GLN B 23 -36.16 49.66 52.56
CA GLN B 23 -37.21 50.59 52.92
C GLN B 23 -36.93 51.45 54.15
N PRO B 24 -36.42 50.85 55.24
CA PRO B 24 -36.16 51.71 56.40
C PRO B 24 -35.12 52.79 56.07
N ARG B 25 -34.04 52.38 55.39
CA ARG B 25 -33.00 53.34 55.05
C ARG B 25 -33.54 54.46 54.16
N PHE B 26 -34.27 54.10 53.11
CA PHE B 26 -34.81 55.11 52.22
C PHE B 26 -35.82 56.03 52.91
N MET B 27 -36.70 55.48 53.74
CA MET B 27 -37.68 56.32 54.41
C MET B 27 -37.02 57.39 55.26
N ALA B 28 -35.95 57.02 55.96
CA ALA B 28 -35.24 57.96 56.80
C ALA B 28 -34.60 59.04 55.93
N GLN B 29 -33.99 58.63 54.82
CA GLN B 29 -33.37 59.60 53.91
C GLN B 29 -34.44 60.51 53.33
N TYR B 30 -35.55 59.93 52.91
CA TYR B 30 -36.63 60.71 52.32
C TYR B 30 -37.11 61.83 53.24
N GLN B 31 -37.27 61.51 54.53
CA GLN B 31 -37.72 62.51 55.49
C GLN B 31 -36.72 63.65 55.59
N GLU B 32 -35.44 63.34 55.37
CA GLU B 32 -34.40 64.36 55.40
C GLU B 32 -34.52 65.21 54.14
N LEU B 33 -34.73 64.56 53.00
CA LEU B 33 -34.89 65.29 51.73
C LEU B 33 -36.03 66.28 51.83
N LYS B 34 -37.18 65.80 52.31
CA LYS B 34 -38.36 66.63 52.46
C LYS B 34 -38.04 67.81 53.37
N LYS B 35 -37.28 67.54 54.42
CA LYS B 35 -36.91 68.59 55.36
C LYS B 35 -36.05 69.66 54.68
N ARG B 36 -35.14 69.25 53.80
CA ARG B 36 -34.30 70.21 53.11
C ARG B 36 -34.96 70.73 51.84
N GLY B 37 -36.20 70.31 51.62
CA GLY B 37 -36.95 70.76 50.46
C GLY B 37 -36.46 70.20 49.14
N ILE B 38 -35.86 69.01 49.17
CA ILE B 38 -35.36 68.39 47.97
C ILE B 38 -36.43 67.42 47.47
N LYS B 39 -36.84 67.60 46.21
CA LYS B 39 -37.88 66.75 45.63
C LYS B 39 -37.36 65.41 45.14
N PHE B 40 -38.19 64.38 45.27
CA PHE B 40 -37.83 63.03 44.83
C PHE B 40 -38.70 62.60 43.67
N VAL B 41 -38.06 62.12 42.62
CA VAL B 41 -38.77 61.69 41.42
C VAL B 41 -38.38 60.29 40.96
N VAL B 42 -39.38 59.52 40.55
CA VAL B 42 -39.19 58.16 40.05
C VAL B 42 -39.46 58.22 38.54
N ALA B 43 -38.41 58.02 37.74
CA ALA B 43 -38.54 58.05 36.28
C ALA B 43 -38.22 56.66 35.77
N SER B 44 -39.25 55.96 35.31
CA SER B 44 -39.13 54.57 34.85
C SER B 44 -39.96 54.23 33.62
N GLY B 45 -39.63 53.11 32.96
CA GLY B 45 -40.40 52.69 31.81
C GLY B 45 -41.68 51.99 32.26
N ASN B 46 -41.75 51.60 33.53
CA ASN B 46 -42.92 50.89 34.05
C ASN B 46 -44.23 51.68 34.13
N GLN B 47 -45.32 50.95 34.26
CA GLN B 47 -46.68 51.52 34.35
C GLN B 47 -46.82 52.33 35.64
N TYR B 48 -47.61 53.40 35.61
CA TYR B 48 -47.81 54.21 36.79
C TYR B 48 -48.34 53.37 37.95
N TYR B 49 -49.32 52.51 37.67
CA TYR B 49 -49.89 51.68 38.73
C TYR B 49 -48.91 50.66 39.32
N GLN B 50 -47.90 50.26 38.56
CA GLN B 50 -46.94 49.33 39.13
C GLN B 50 -45.90 50.13 39.93
N LEU B 51 -45.55 51.31 39.45
CA LEU B 51 -44.58 52.15 40.16
C LEU B 51 -45.02 52.56 41.56
N ILE B 52 -46.29 52.96 41.71
CA ILE B 52 -46.74 53.37 43.03
C ILE B 52 -46.85 52.19 44.00
N SER B 53 -46.81 50.98 43.48
CA SER B 53 -46.87 49.79 44.33
C SER B 53 -45.57 49.69 45.14
N PHE B 54 -44.54 50.39 44.69
CA PHE B 54 -43.25 50.40 45.38
C PHE B 54 -43.17 51.50 46.43
N PHE B 55 -44.09 52.45 46.37
CA PHE B 55 -44.11 53.55 47.33
C PHE B 55 -45.50 53.78 47.93
N PRO B 56 -46.15 52.69 48.40
CA PRO B 56 -47.49 52.73 48.99
C PRO B 56 -47.65 53.83 50.04
N GLU B 57 -46.61 54.03 50.82
CA GLU B 57 -46.63 55.02 51.89
C GLU B 57 -46.26 56.44 51.48
N LEU B 58 -45.76 56.63 50.26
CA LEU B 58 -45.36 57.96 49.81
C LEU B 58 -45.90 58.37 48.43
N LYS B 59 -46.71 57.50 47.83
CA LYS B 59 -47.28 57.72 46.50
C LYS B 59 -47.80 59.14 46.18
N ASP B 60 -48.39 59.82 47.16
CA ASP B 60 -48.94 61.15 46.92
C ASP B 60 -48.00 62.32 47.22
N GLU B 61 -46.80 62.03 47.72
CA GLU B 61 -45.85 63.08 48.03
C GLU B 61 -44.82 63.25 46.93
N ILE B 62 -44.34 62.13 46.41
CA ILE B 62 -43.33 62.18 45.36
C ILE B 62 -43.93 62.27 43.97
N SER B 63 -43.08 62.46 42.97
CA SER B 63 -43.53 62.60 41.59
C SER B 63 -43.10 61.41 40.75
N PHE B 64 -43.85 61.15 39.69
CA PHE B 64 -43.54 60.02 38.82
C PHE B 64 -43.52 60.35 37.32
N VAL B 65 -42.48 59.85 36.65
CA VAL B 65 -42.33 59.95 35.21
C VAL B 65 -42.44 58.52 34.75
N ALA B 66 -43.66 58.07 34.54
CA ALA B 66 -43.91 56.68 34.14
C ALA B 66 -44.02 56.47 32.64
N GLU B 67 -44.05 55.19 32.25
CA GLU B 67 -44.15 54.80 30.85
C GLU B 67 -43.09 55.53 30.01
N ASN B 68 -41.86 55.49 30.51
CA ASN B 68 -40.73 56.12 29.86
C ASN B 68 -40.87 57.62 29.58
N GLY B 69 -41.90 58.23 30.17
CA GLY B 69 -42.11 59.66 29.99
C GLY B 69 -43.48 60.05 29.46
N ALA B 70 -44.30 59.06 29.11
CA ALA B 70 -45.64 59.31 28.58
C ALA B 70 -46.71 59.60 29.61
N LEU B 71 -46.43 59.36 30.88
CA LEU B 71 -47.40 59.63 31.93
C LEU B 71 -46.67 60.23 33.12
N VAL B 72 -46.98 61.50 33.43
CA VAL B 72 -46.32 62.20 34.52
C VAL B 72 -47.28 62.64 35.63
N TYR B 73 -46.93 62.30 36.86
CA TYR B 73 -47.71 62.70 38.02
C TYR B 73 -46.86 63.57 38.92
N GLU B 74 -47.48 64.58 39.52
CA GLU B 74 -46.76 65.46 40.41
C GLU B 74 -47.57 65.61 41.68
N HIS B 75 -46.97 65.20 42.80
CA HIS B 75 -47.60 65.31 44.10
C HIS B 75 -49.00 64.70 44.12
N GLY B 76 -49.17 63.56 43.47
CA GLY B 76 -50.45 62.89 43.45
C GLY B 76 -51.43 63.26 42.36
N LYS B 77 -51.13 64.28 41.55
CA LYS B 77 -52.03 64.68 40.48
C LYS B 77 -51.41 64.48 39.09
N GLN B 78 -52.24 64.04 38.15
CA GLN B 78 -51.78 63.80 36.78
C GLN B 78 -51.43 65.12 36.12
N LEU B 79 -50.17 65.27 35.77
CA LEU B 79 -49.69 66.50 35.14
C LEU B 79 -49.77 66.45 33.62
N PHE B 80 -49.46 65.30 33.05
CA PHE B 80 -49.45 65.13 31.61
C PHE B 80 -49.48 63.67 31.19
N HIS B 81 -50.01 63.41 30.00
CA HIS B 81 -50.05 62.06 29.45
C HIS B 81 -49.99 62.15 27.93
N GLY B 82 -49.13 61.35 27.34
CA GLY B 82 -49.00 61.33 25.89
C GLY B 82 -50.23 60.67 25.31
N GLU B 83 -50.36 60.66 24.00
CA GLU B 83 -51.53 60.06 23.39
C GLU B 83 -51.40 59.86 21.90
N LEU B 84 -51.48 58.61 21.48
CA LEU B 84 -51.48 58.27 20.06
C LEU B 84 -52.91 58.49 19.62
N THR B 85 -53.12 58.92 18.39
CA THR B 85 -54.46 59.09 17.89
C THR B 85 -55.02 57.73 17.59
N ARG B 86 -56.32 57.64 17.37
CA ARG B 86 -56.96 56.38 17.04
C ARG B 86 -56.28 55.81 15.79
N HIS B 87 -56.08 56.67 14.79
CA HIS B 87 -55.43 56.28 13.54
C HIS B 87 -54.05 55.66 13.83
N GLU B 88 -53.21 56.43 14.50
CA GLU B 88 -51.86 55.99 14.83
C GLU B 88 -51.80 54.65 15.56
N SER B 89 -52.56 54.50 16.64
CA SER B 89 -52.55 53.24 17.39
C SER B 89 -52.98 52.10 16.47
N ARG B 90 -54.00 52.35 15.67
CA ARG B 90 -54.49 51.35 14.74
C ARG B 90 -53.41 50.94 13.75
N ILE B 91 -52.67 51.92 13.24
CA ILE B 91 -51.61 51.63 12.30
C ILE B 91 -50.46 50.87 12.97
N VAL B 92 -50.04 51.33 14.16
CA VAL B 92 -48.95 50.65 14.86
C VAL B 92 -49.34 49.21 15.16
N ILE B 93 -50.52 49.03 15.74
CA ILE B 93 -50.99 47.69 16.06
C ILE B 93 -51.10 46.89 14.77
N GLY B 94 -51.72 47.51 13.76
CA GLY B 94 -51.88 46.85 12.49
C GLY B 94 -50.54 46.30 12.00
N GLU B 95 -49.51 47.11 12.14
CA GLU B 95 -48.16 46.72 11.73
C GLU B 95 -47.61 45.60 12.61
N LEU B 96 -47.66 45.81 13.93
CA LEU B 96 -47.15 44.81 14.86
C LEU B 96 -47.89 43.49 14.67
N LEU B 97 -49.18 43.59 14.36
CA LEU B 97 -50.02 42.42 14.15
C LEU B 97 -49.64 41.66 12.88
N LYS B 98 -49.02 42.36 11.94
CA LYS B 98 -48.61 41.73 10.68
C LYS B 98 -47.61 40.62 10.95
N ASP B 99 -47.08 40.58 12.17
CA ASP B 99 -46.13 39.55 12.54
C ASP B 99 -46.76 38.63 13.58
N LYS B 100 -47.41 37.56 13.11
CA LYS B 100 -48.05 36.62 14.01
C LYS B 100 -47.03 35.64 14.58
N GLN B 101 -46.15 36.18 15.41
CA GLN B 101 -45.09 35.40 16.06
C GLN B 101 -44.51 36.31 17.14
N LEU B 102 -44.79 37.60 17.00
CA LEU B 102 -44.33 38.62 17.94
C LEU B 102 -45.41 38.92 18.95
N ASN B 103 -45.04 38.92 20.23
CA ASN B 103 -46.00 39.22 21.29
C ASN B 103 -45.69 40.60 21.82
N PHE B 104 -46.73 41.29 22.29
CA PHE B 104 -46.53 42.64 22.79
C PHE B 104 -47.67 43.09 23.68
N VAL B 105 -47.42 44.15 24.43
CA VAL B 105 -48.40 44.72 25.32
C VAL B 105 -48.71 46.13 24.84
N ALA B 106 -49.97 46.50 24.77
CA ALA B 106 -50.36 47.85 24.42
C ALA B 106 -50.57 48.57 25.74
N CYS B 107 -49.86 49.67 25.93
CA CYS B 107 -49.91 50.41 27.18
C CYS B 107 -50.81 51.65 27.10
N GLY B 108 -51.83 51.67 27.96
CA GLY B 108 -52.77 52.78 27.97
C GLY B 108 -52.88 53.54 29.28
N LEU B 109 -53.74 54.55 29.27
CA LEU B 109 -53.94 55.40 30.44
C LEU B 109 -54.60 54.70 31.63
N GLN B 110 -55.65 53.93 31.38
CA GLN B 110 -56.34 53.23 32.47
C GLN B 110 -55.76 51.86 32.76
N SER B 111 -55.16 51.24 31.74
CA SER B 111 -54.57 49.91 31.89
C SER B 111 -53.70 49.55 30.69
N ALA B 112 -52.98 48.44 30.80
CA ALA B 112 -52.18 47.93 29.69
C ALA B 112 -52.99 46.74 29.16
N TYR B 113 -52.68 46.28 27.95
CA TYR B 113 -53.42 45.18 27.34
C TYR B 113 -52.54 44.15 26.65
N VAL B 114 -52.93 42.89 26.77
CA VAL B 114 -52.20 41.81 26.13
C VAL B 114 -53.17 40.79 25.55
N SER B 115 -52.76 40.14 24.46
CA SER B 115 -53.59 39.13 23.81
C SER B 115 -53.87 37.98 24.75
N GLU B 116 -55.11 37.51 24.74
CA GLU B 116 -55.50 36.38 25.58
C GLU B 116 -54.83 35.11 25.10
N ASN B 117 -54.34 35.11 23.86
CA ASN B 117 -53.68 33.96 23.28
C ASN B 117 -52.17 34.01 23.51
N ALA B 118 -51.73 34.97 24.33
CA ALA B 118 -50.30 35.13 24.59
C ALA B 118 -49.75 34.08 25.55
N PRO B 119 -48.47 33.68 25.37
CA PRO B 119 -47.82 32.69 26.21
C PRO B 119 -47.89 33.11 27.69
N GLU B 120 -48.09 32.13 28.57
CA GLU B 120 -48.20 32.42 29.99
C GLU B 120 -46.96 33.11 30.54
N ALA B 121 -45.79 32.60 30.17
CA ALA B 121 -44.52 33.16 30.63
C ALA B 121 -44.43 34.64 30.31
N PHE B 122 -44.80 35.02 29.09
CA PHE B 122 -44.74 36.41 28.68
C PHE B 122 -45.70 37.24 29.53
N VAL B 123 -46.93 36.77 29.68
CA VAL B 123 -47.92 37.49 30.47
C VAL B 123 -47.43 37.67 31.90
N ALA B 124 -46.91 36.60 32.50
CA ALA B 124 -46.42 36.65 33.87
C ALA B 124 -45.29 37.67 34.01
N LEU B 125 -44.42 37.71 33.01
CA LEU B 125 -43.31 38.65 33.03
C LEU B 125 -43.81 40.10 32.93
N MET B 126 -44.70 40.36 31.98
CA MET B 126 -45.25 41.69 31.80
C MET B 126 -46.07 42.13 33.00
N ALA B 127 -46.74 41.18 33.65
CA ALA B 127 -47.55 41.48 34.83
C ALA B 127 -46.70 42.08 35.94
N LYS B 128 -45.39 41.83 35.88
CA LYS B 128 -44.48 42.36 36.89
C LYS B 128 -44.13 43.82 36.60
N HIS B 129 -44.50 44.29 35.41
CA HIS B 129 -44.21 45.66 35.03
C HIS B 129 -45.47 46.50 34.81
N TYR B 130 -46.58 45.82 34.56
CA TYR B 130 -47.88 46.49 34.40
C TYR B 130 -48.85 45.77 35.34
N HIS B 131 -49.15 46.39 36.47
CA HIS B 131 -50.06 45.75 37.41
C HIS B 131 -51.49 45.78 36.91
N ARG B 132 -51.77 46.68 35.98
CA ARG B 132 -53.07 46.74 35.37
C ARG B 132 -52.85 46.20 33.95
N LEU B 133 -53.09 44.90 33.79
CA LEU B 133 -52.89 44.24 32.52
C LEU B 133 -54.10 43.38 32.20
N LYS B 134 -54.89 43.82 31.22
CA LYS B 134 -56.09 43.12 30.81
C LYS B 134 -55.93 42.30 29.54
N PRO B 135 -56.38 41.03 29.56
CA PRO B 135 -56.29 40.16 28.38
C PRO B 135 -57.37 40.61 27.42
N VAL B 136 -57.07 40.66 26.12
CA VAL B 136 -58.05 41.09 25.15
C VAL B 136 -58.09 40.20 23.91
N LYS B 137 -59.17 40.31 23.16
CA LYS B 137 -59.35 39.55 21.93
C LYS B 137 -58.84 40.35 20.73
N ASP B 138 -59.15 41.64 20.72
CA ASP B 138 -58.73 42.52 19.64
C ASP B 138 -58.18 43.83 20.16
N TYR B 139 -56.94 44.14 19.78
CA TYR B 139 -56.30 45.38 20.22
C TYR B 139 -56.98 46.62 19.63
N GLN B 140 -57.51 46.50 18.42
CA GLN B 140 -58.15 47.63 17.76
C GLN B 140 -59.40 48.15 18.47
N GLU B 141 -60.05 47.31 19.27
CA GLU B 141 -61.25 47.73 19.97
C GLU B 141 -61.04 48.23 21.39
N ILE B 142 -59.82 48.64 21.71
CA ILE B 142 -59.53 49.14 23.04
C ILE B 142 -60.09 50.54 23.26
N ASP B 143 -60.89 50.71 24.32
CA ASP B 143 -61.46 52.01 24.63
C ASP B 143 -60.61 52.63 25.72
N ASP B 144 -59.50 53.23 25.31
CA ASP B 144 -58.58 53.85 26.24
C ASP B 144 -57.53 54.57 25.40
N VAL B 145 -56.82 55.51 26.02
CA VAL B 145 -55.76 56.22 25.35
C VAL B 145 -54.55 55.31 25.38
N LEU B 146 -53.85 55.17 24.26
CA LEU B 146 -52.65 54.35 24.21
C LEU B 146 -51.45 55.29 23.96
N PHE B 147 -50.34 55.03 24.62
CA PHE B 147 -49.16 55.87 24.46
C PHE B 147 -47.82 55.13 24.44
N LYS B 148 -47.87 53.80 24.42
CA LYS B 148 -46.63 53.02 24.41
C LYS B 148 -46.91 51.55 24.17
N PHE B 149 -45.90 50.81 23.73
CA PHE B 149 -46.01 49.38 23.51
C PHE B 149 -44.72 48.76 24.02
N SER B 150 -44.80 47.50 24.44
CA SER B 150 -43.64 46.76 24.91
C SER B 150 -43.61 45.48 24.09
N LEU B 151 -42.56 45.29 23.32
CA LEU B 151 -42.42 44.12 22.45
C LEU B 151 -41.71 42.95 23.11
N ASN B 152 -42.12 41.74 22.73
CA ASN B 152 -41.52 40.52 23.26
C ASN B 152 -40.27 40.22 22.44
N LEU B 153 -39.28 41.09 22.53
CA LEU B 153 -38.03 40.95 21.81
C LEU B 153 -36.89 41.58 22.62
N PRO B 154 -35.74 40.90 22.71
CA PRO B 154 -34.59 41.42 23.46
C PRO B 154 -34.17 42.80 22.95
N ASP B 155 -34.00 43.76 23.86
CA ASP B 155 -33.60 45.11 23.47
C ASP B 155 -32.25 45.10 22.75
N GLU B 156 -31.57 43.96 22.77
CA GLU B 156 -30.28 43.80 22.13
C GLU B 156 -30.44 43.87 20.60
N GLN B 157 -31.66 43.62 20.13
CA GLN B 157 -31.96 43.61 18.71
C GLN B 157 -32.52 44.93 18.18
N ILE B 158 -32.32 46.01 18.94
CA ILE B 158 -32.81 47.33 18.53
C ILE B 158 -31.99 47.94 17.39
N PRO B 159 -30.65 47.86 17.47
CA PRO B 159 -29.74 48.40 16.46
C PRO B 159 -30.07 48.12 14.99
N LEU B 160 -30.60 46.94 14.70
CA LEU B 160 -30.94 46.59 13.32
C LEU B 160 -32.43 46.61 13.03
N VAL B 161 -33.25 46.72 14.08
CA VAL B 161 -34.70 46.74 13.89
C VAL B 161 -35.26 48.14 13.67
N ILE B 162 -34.51 49.17 14.07
CA ILE B 162 -34.97 50.55 13.92
C ILE B 162 -35.41 50.89 12.50
N ASP B 163 -34.63 50.46 11.52
CA ASP B 163 -34.94 50.72 10.12
C ASP B 163 -36.36 50.30 9.78
N LYS B 164 -36.61 48.99 9.78
CA LYS B 164 -37.94 48.47 9.49
C LYS B 164 -38.97 49.28 10.27
N LEU B 165 -38.87 49.23 11.58
CA LEU B 165 -39.79 49.95 12.47
C LEU B 165 -40.04 51.39 12.02
N HIS B 166 -38.97 52.16 11.84
CA HIS B 166 -39.11 53.55 11.41
C HIS B 166 -39.90 53.68 10.11
N VAL B 167 -39.55 52.86 9.13
CA VAL B 167 -40.22 52.88 7.83
C VAL B 167 -41.58 52.20 7.91
N ALA B 168 -41.63 51.08 8.61
CA ALA B 168 -42.87 50.32 8.77
C ALA B 168 -43.88 51.06 9.63
N LEU B 169 -43.40 51.76 10.65
CA LEU B 169 -44.28 52.51 11.55
C LEU B 169 -44.49 53.95 11.10
N ASP B 170 -43.95 54.29 9.95
CA ASP B 170 -44.08 55.64 9.39
C ASP B 170 -43.69 56.73 10.39
N GLY B 171 -42.67 56.46 11.20
CA GLY B 171 -42.20 57.43 12.17
C GLY B 171 -43.16 57.72 13.31
N ILE B 172 -44.16 56.86 13.50
CA ILE B 172 -45.13 57.06 14.56
C ILE B 172 -44.51 56.85 15.94
N MET B 173 -43.68 55.83 16.07
CA MET B 173 -43.05 55.55 17.35
C MET B 173 -41.59 55.17 17.17
N LYS B 174 -40.82 55.32 18.25
CA LYS B 174 -39.39 55.04 18.26
C LYS B 174 -39.07 53.94 19.28
N PRO B 175 -38.18 52.99 18.92
CA PRO B 175 -37.77 51.88 19.79
C PRO B 175 -36.68 52.27 20.79
N VAL B 176 -36.88 51.86 22.05
CA VAL B 176 -35.92 52.11 23.12
C VAL B 176 -36.07 50.97 24.11
N THR B 177 -35.09 50.75 24.96
CA THR B 177 -35.20 49.67 25.93
C THR B 177 -36.28 49.96 26.99
N SER B 178 -37.01 48.91 27.38
CA SER B 178 -38.07 49.06 28.37
C SER B 178 -37.48 49.25 29.75
N GLY B 179 -36.25 48.78 29.92
CA GLY B 179 -35.58 48.87 31.21
C GLY B 179 -35.46 47.48 31.83
N PHE B 180 -36.06 46.48 31.20
CA PHE B 180 -35.98 45.12 31.70
C PHE B 180 -35.73 44.06 30.62
N GLY B 181 -34.82 44.36 29.70
CA GLY B 181 -34.48 43.42 28.65
C GLY B 181 -35.45 43.32 27.49
N PHE B 182 -36.29 44.33 27.33
CA PHE B 182 -37.27 44.32 26.25
C PHE B 182 -37.27 45.63 25.48
N ILE B 183 -38.02 45.66 24.39
CA ILE B 183 -38.08 46.86 23.57
C ILE B 183 -39.40 47.62 23.75
N ASP B 184 -39.29 48.88 24.15
CA ASP B 184 -40.47 49.73 24.32
C ASP B 184 -40.59 50.58 23.06
N LEU B 185 -41.83 50.83 22.64
CA LEU B 185 -42.09 51.69 21.49
C LEU B 185 -42.72 52.94 22.08
N ILE B 186 -42.05 54.07 21.92
CA ILE B 186 -42.55 55.33 22.48
C ILE B 186 -42.78 56.38 21.40
N ILE B 187 -43.55 57.40 21.77
CA ILE B 187 -43.80 58.54 20.91
C ILE B 187 -42.53 59.33 21.02
N PRO B 188 -41.98 59.68 19.87
CA PRO B 188 -40.70 60.37 19.79
C PRO B 188 -40.45 61.60 20.65
N GLY B 189 -39.51 61.58 21.57
CA GLY B 189 -39.32 62.80 22.32
C GLY B 189 -39.98 62.70 23.67
N LEU B 190 -40.96 61.81 23.80
CA LEU B 190 -41.54 61.61 25.12
C LEU B 190 -40.71 60.66 25.98
N HIS B 191 -39.45 61.01 26.21
CA HIS B 191 -38.54 60.21 27.01
C HIS B 191 -38.49 60.76 28.44
N LYS B 192 -37.72 60.10 29.31
CA LYS B 192 -37.63 60.54 30.70
C LYS B 192 -37.21 62.00 30.89
N ALA B 193 -36.24 62.46 30.10
CA ALA B 193 -35.78 63.85 30.23
C ALA B 193 -36.91 64.83 29.97
N ASN B 194 -37.77 64.50 29.00
CA ASN B 194 -38.91 65.34 28.66
C ASN B 194 -39.86 65.40 29.85
N GLY B 195 -40.13 64.23 30.43
CA GLY B 195 -41.02 64.18 31.59
C GLY B 195 -40.46 64.96 32.76
N ILE B 196 -39.16 64.79 33.03
CA ILE B 196 -38.53 65.51 34.13
C ILE B 196 -38.62 67.01 33.88
N SER B 197 -38.36 67.42 32.64
CA SER B 197 -38.44 68.83 32.27
C SER B 197 -39.80 69.42 32.63
N ARG B 198 -40.87 68.66 32.40
CA ARG B 198 -42.22 69.13 32.72
C ARG B 198 -42.31 69.49 34.20
N LEU B 199 -41.70 68.67 35.04
CA LEU B 199 -41.69 68.90 36.47
C LEU B 199 -40.81 70.10 36.78
N LEU B 200 -39.61 70.15 36.20
CA LEU B 200 -38.69 71.26 36.43
C LEU B 200 -39.35 72.60 36.10
N LYS B 201 -40.01 72.64 34.96
CA LYS B 201 -40.69 73.85 34.51
C LYS B 201 -41.77 74.21 35.54
N ARG B 202 -42.43 73.19 36.07
CA ARG B 202 -43.48 73.38 37.06
C ARG B 202 -42.92 73.93 38.37
N TRP B 203 -41.74 73.45 38.77
CA TRP B 203 -41.11 73.88 40.01
C TRP B 203 -40.19 75.08 39.86
N ASP B 204 -40.06 75.56 38.63
CA ASP B 204 -39.19 76.69 38.33
C ASP B 204 -37.73 76.34 38.63
N LEU B 205 -37.38 75.08 38.44
CA LEU B 205 -36.01 74.63 38.69
C LEU B 205 -35.30 74.33 37.37
N SER B 206 -33.99 74.13 37.45
CA SER B 206 -33.17 73.87 36.27
C SER B 206 -32.34 72.59 36.37
N PRO B 207 -31.94 72.02 35.22
CA PRO B 207 -31.14 70.81 35.19
C PRO B 207 -29.91 70.88 36.11
N GLN B 208 -29.44 72.09 36.38
CA GLN B 208 -28.28 72.30 37.24
C GLN B 208 -28.61 71.88 38.68
N ASN B 209 -29.89 71.84 39.01
CA ASN B 209 -30.34 71.46 40.35
C ASN B 209 -30.70 69.97 40.40
N VAL B 210 -30.35 69.23 39.33
CA VAL B 210 -30.78 67.84 39.28
C VAL B 210 -29.73 66.75 39.40
N VAL B 211 -30.12 65.72 40.16
CA VAL B 211 -29.35 64.50 40.35
C VAL B 211 -30.16 63.44 39.67
N ALA B 212 -29.54 62.67 38.77
CA ALA B 212 -30.27 61.60 38.09
C ALA B 212 -29.43 60.33 38.18
N ILE B 213 -30.10 59.20 38.41
CA ILE B 213 -29.43 57.91 38.55
C ILE B 213 -30.08 56.90 37.59
N GLY B 214 -29.27 56.19 36.80
CA GLY B 214 -29.83 55.24 35.85
C GLY B 214 -28.90 54.10 35.49
N ASP B 215 -29.39 53.18 34.67
CA ASP B 215 -28.57 52.03 34.29
C ASP B 215 -28.64 51.58 32.84
N SER B 216 -29.67 52.01 32.11
CA SER B 216 -29.78 51.56 30.73
C SER B 216 -30.16 52.61 29.71
N GLY B 217 -30.37 52.14 28.47
CA GLY B 217 -30.70 52.99 27.36
C GLY B 217 -31.80 54.04 27.53
N ASN B 218 -32.89 53.68 28.22
CA ASN B 218 -33.97 54.65 28.40
C ASN B 218 -33.64 55.72 29.43
N ASP B 219 -32.40 55.74 29.89
CA ASP B 219 -31.97 56.75 30.86
C ASP B 219 -31.00 57.74 30.20
N ALA B 220 -30.63 57.46 28.95
CA ALA B 220 -29.69 58.30 28.22
C ALA B 220 -29.95 59.80 28.27
N GLU B 221 -31.13 60.23 27.82
CA GLU B 221 -31.44 61.66 27.82
C GLU B 221 -31.42 62.23 29.24
N MET B 222 -31.99 61.49 30.18
CA MET B 222 -32.04 61.93 31.58
C MET B 222 -30.65 62.19 32.15
N LEU B 223 -29.74 61.24 31.95
CA LEU B 223 -28.39 61.38 32.46
C LEU B 223 -27.60 62.48 31.74
N LYS B 224 -27.89 62.69 30.45
CA LYS B 224 -27.20 63.73 29.71
C LYS B 224 -27.63 65.11 30.19
N MET B 225 -28.92 65.25 30.49
CA MET B 225 -29.45 66.53 30.94
C MET B 225 -29.10 66.88 32.38
N ALA B 226 -28.97 65.87 33.24
CA ALA B 226 -28.66 66.10 34.64
C ALA B 226 -27.24 66.60 34.90
N ARG B 227 -27.13 67.62 35.75
CA ARG B 227 -25.83 68.16 36.12
C ARG B 227 -25.09 67.05 36.86
N TYR B 228 -25.76 66.43 37.83
CA TYR B 228 -25.15 65.36 38.60
C TYR B 228 -25.76 64.02 38.16
N SER B 229 -25.14 63.43 37.14
CA SER B 229 -25.58 62.17 36.57
C SER B 229 -24.75 61.01 37.11
N PHE B 230 -25.43 59.94 37.50
CA PHE B 230 -24.75 58.77 38.05
C PHE B 230 -25.12 57.48 37.33
N ALA B 231 -24.11 56.72 36.94
CA ALA B 231 -24.35 55.44 36.28
C ALA B 231 -24.17 54.35 37.33
N MET B 232 -25.20 53.52 37.50
CA MET B 232 -25.16 52.41 38.46
C MET B 232 -24.00 51.50 38.07
N GLY B 233 -23.37 50.87 39.07
CA GLY B 233 -22.25 49.98 38.80
C GLY B 233 -22.58 48.90 37.79
N ASN B 234 -23.85 48.53 37.71
CA ASN B 234 -24.31 47.49 36.79
C ASN B 234 -24.80 48.07 35.45
N ALA B 235 -24.62 49.37 35.26
CA ALA B 235 -25.09 50.05 34.06
C ALA B 235 -24.43 49.58 32.76
N ALA B 236 -25.14 49.79 31.66
CA ALA B 236 -24.61 49.43 30.34
C ALA B 236 -23.41 50.34 30.08
N GLU B 237 -22.46 49.85 29.29
CA GLU B 237 -21.25 50.60 28.96
C GLU B 237 -21.51 52.04 28.49
N ASN B 238 -22.41 52.20 27.53
CA ASN B 238 -22.70 53.53 26.99
C ASN B 238 -23.27 54.47 28.04
N ILE B 239 -23.96 53.90 29.02
CA ILE B 239 -24.55 54.70 30.08
C ILE B 239 -23.45 55.20 31.01
N LYS B 240 -22.43 54.38 31.23
CA LYS B 240 -21.33 54.79 32.09
C LYS B 240 -20.55 55.91 31.41
N GLN B 241 -20.55 55.91 30.08
CA GLN B 241 -19.84 56.93 29.31
C GLN B 241 -20.60 58.25 29.35
N ILE B 242 -21.93 58.17 29.41
CA ILE B 242 -22.76 59.36 29.46
C ILE B 242 -22.74 60.02 30.84
N ALA B 243 -22.96 59.23 31.89
CA ALA B 243 -22.96 59.77 33.25
C ALA B 243 -21.58 60.29 33.65
N ARG B 244 -21.56 61.38 34.41
CA ARG B 244 -20.30 61.96 34.86
C ARG B 244 -19.73 61.17 36.03
N TYR B 245 -20.61 60.63 36.87
CA TYR B 245 -20.17 59.85 38.02
C TYR B 245 -20.69 58.43 38.01
N ALA B 246 -20.19 57.64 38.95
CA ALA B 246 -20.60 56.26 39.10
C ALA B 246 -21.05 56.08 40.53
N THR B 247 -21.72 54.96 40.80
CA THR B 247 -22.17 54.63 42.14
C THR B 247 -22.20 53.11 42.18
N ASP B 248 -22.47 52.52 43.33
CA ASP B 248 -22.48 51.07 43.42
C ASP B 248 -23.60 50.48 42.58
N ASP B 249 -23.61 49.16 42.40
CA ASP B 249 -24.64 48.52 41.58
C ASP B 249 -25.98 48.44 42.29
N ASN B 250 -27.02 48.03 41.57
CA ASN B 250 -28.37 47.97 42.12
C ASN B 250 -28.58 46.95 43.24
N ASN B 251 -27.66 46.00 43.38
CA ASN B 251 -27.79 45.01 44.44
C ASN B 251 -27.13 45.49 45.72
N HIS B 252 -26.57 46.70 45.69
CA HIS B 252 -25.93 47.26 46.86
C HIS B 252 -26.32 48.72 47.14
N GLU B 253 -27.63 48.98 47.10
CA GLU B 253 -28.17 50.30 47.39
C GLU B 253 -27.43 51.46 46.71
N GLY B 254 -27.01 51.23 45.47
CA GLY B 254 -26.29 52.26 44.73
C GLY B 254 -27.00 53.60 44.64
N ALA B 255 -28.31 53.56 44.41
CA ALA B 255 -29.10 54.79 44.31
C ALA B 255 -29.19 55.46 45.66
N LEU B 256 -29.35 54.67 46.71
CA LEU B 256 -29.44 55.22 48.06
C LEU B 256 -28.10 55.84 48.47
N ASN B 257 -26.99 55.26 48.02
CA ASN B 257 -25.68 55.80 48.35
C ASN B 257 -25.56 57.20 47.75
N VAL B 258 -26.12 57.41 46.57
CA VAL B 258 -26.06 58.71 45.94
C VAL B 258 -26.82 59.71 46.81
N ILE B 259 -28.02 59.33 47.25
CA ILE B 259 -28.84 60.18 48.10
C ILE B 259 -28.09 60.55 49.37
N GLN B 260 -27.40 59.57 49.95
CA GLN B 260 -26.64 59.82 51.17
C GLN B 260 -25.58 60.89 50.90
N ALA B 261 -24.93 60.81 49.74
CA ALA B 261 -23.90 61.77 49.36
C ALA B 261 -24.46 63.19 49.32
N VAL B 262 -25.70 63.32 48.84
CA VAL B 262 -26.37 64.62 48.76
C VAL B 262 -26.65 65.13 50.17
N LEU B 263 -27.19 64.25 51.01
CA LEU B 263 -27.52 64.59 52.38
C LEU B 263 -26.29 64.93 53.24
N ASP B 264 -25.19 64.23 53.02
CA ASP B 264 -23.97 64.47 53.79
C ASP B 264 -23.03 65.48 53.13
N ASN B 265 -23.29 65.84 51.87
CA ASN B 265 -22.47 66.78 51.14
C ASN B 265 -21.05 66.24 50.91
N THR B 266 -20.98 65.02 50.43
CA THR B 266 -19.70 64.37 50.15
C THR B 266 -19.56 64.45 48.64
N TYR B 267 -18.33 64.30 48.13
CA TYR B 267 -18.10 64.35 46.69
C TYR B 267 -19.18 63.54 45.97
N PRO B 268 -19.68 64.04 44.84
CA PRO B 268 -19.31 65.31 44.21
C PRO B 268 -20.07 66.50 44.77
N PHE B 269 -20.71 66.32 45.92
CA PHE B 269 -21.47 67.40 46.52
C PHE B 269 -20.60 68.19 47.51
N ASN B 270 -19.30 68.18 47.20
CA ASN B 270 -18.20 68.89 47.88
C ASN B 270 -16.83 68.31 47.59
N VAL C 3 -2.22 -52.13 -19.76
CA VAL C 3 -1.39 -50.97 -19.31
C VAL C 3 -1.10 -50.02 -20.46
N LYS C 4 -1.52 -48.77 -20.33
CA LYS C 4 -1.29 -47.76 -21.37
C LYS C 4 -0.54 -46.54 -20.81
N VAL C 5 -0.38 -46.49 -19.49
CA VAL C 5 0.32 -45.39 -18.86
C VAL C 5 1.01 -45.86 -17.59
N ILE C 6 2.26 -45.41 -17.40
CA ILE C 6 3.03 -45.74 -16.21
C ILE C 6 3.45 -44.42 -15.57
N VAL C 7 2.99 -44.19 -14.35
CA VAL C 7 3.31 -42.96 -13.63
C VAL C 7 4.21 -43.26 -12.43
N THR C 8 5.27 -42.49 -12.27
CA THR C 8 6.17 -42.72 -11.14
C THR C 8 6.50 -41.44 -10.39
N BFD C 9 6.61 -41.57 -9.06
CA BFD C 9 6.99 -40.46 -8.23
C BFD C 9 8.52 -40.49 -8.28
O BFD C 9 9.11 -41.48 -8.72
CB BFD C 9 6.48 -40.67 -6.80
CG BFD C 9 7.21 -39.81 -5.78
OD1 BFD C 9 7.18 -38.58 -5.98
OD2 BFD C 9 7.85 -40.42 -4.90
BE BFD C 9 7.92 -37.43 -5.28
F1 BFD C 9 6.89 -36.34 -4.98
F2 BFD C 9 8.56 -37.79 -3.94
F3 BFD C 9 8.98 -36.93 -6.23
N MET C 10 9.18 -39.41 -7.85
CA MET C 10 10.64 -39.37 -7.88
C MET C 10 11.30 -39.67 -6.53
N ASP C 11 11.26 -38.70 -5.61
CA ASP C 11 11.90 -38.87 -4.29
C ASP C 11 11.34 -40.05 -3.50
N GLY C 12 12.23 -40.94 -3.08
CA GLY C 12 11.84 -42.12 -2.32
C GLY C 12 11.11 -43.13 -3.18
N THR C 13 11.20 -42.93 -4.50
CA THR C 13 10.54 -43.79 -5.47
C THR C 13 11.49 -44.27 -6.56
N PHE C 14 11.47 -43.48 -7.65
CA PHE C 14 12.25 -43.65 -8.88
C PHE C 14 13.72 -43.39 -8.64
N LEU C 15 14.00 -42.59 -7.63
CA LEU C 15 15.37 -42.27 -7.26
C LEU C 15 15.70 -42.95 -5.94
N ASN C 16 16.94 -43.40 -5.80
CA ASN C 16 17.37 -44.04 -4.57
C ASN C 16 17.75 -42.95 -3.59
N ASP C 17 18.05 -43.33 -2.35
CA ASP C 17 18.42 -42.38 -1.32
C ASP C 17 19.52 -41.42 -1.76
N ALA C 18 20.25 -41.79 -2.81
CA ALA C 18 21.34 -40.97 -3.33
C ALA C 18 20.88 -40.08 -4.48
N LYS C 19 19.57 -39.97 -4.67
CA LYS C 19 18.99 -39.14 -5.72
C LYS C 19 19.45 -39.50 -7.13
N THR C 20 19.68 -40.78 -7.37
CA THR C 20 20.12 -41.23 -8.68
C THR C 20 19.28 -42.44 -9.08
N TYR C 21 19.33 -42.79 -10.35
CA TYR C 21 18.58 -43.95 -10.84
C TYR C 21 19.37 -44.67 -11.94
N ASN C 22 19.21 -45.98 -12.02
CA ASN C 22 19.90 -46.77 -13.03
C ASN C 22 19.47 -46.29 -14.41
N GLN C 23 20.14 -45.27 -14.93
CA GLN C 23 19.78 -44.71 -16.24
C GLN C 23 19.89 -45.70 -17.40
N PRO C 24 20.88 -46.61 -17.34
CA PRO C 24 21.04 -47.58 -18.43
C PRO C 24 19.80 -48.47 -18.60
N ARG C 25 19.42 -49.15 -17.52
CA ARG C 25 18.27 -50.04 -17.54
C ARG C 25 16.97 -49.31 -17.90
N PHE C 26 16.79 -48.10 -17.38
CA PHE C 26 15.58 -47.34 -17.67
C PHE C 26 15.50 -46.95 -19.14
N MET C 27 16.58 -46.39 -19.66
CA MET C 27 16.62 -45.95 -21.05
C MET C 27 16.21 -47.07 -22.00
N ALA C 28 16.61 -48.30 -21.67
CA ALA C 28 16.27 -49.46 -22.50
C ALA C 28 14.79 -49.78 -22.30
N GLN C 29 14.34 -49.77 -21.05
CA GLN C 29 12.94 -50.05 -20.74
C GLN C 29 12.03 -49.04 -21.43
N TYR C 30 12.47 -47.78 -21.48
CA TYR C 30 11.68 -46.73 -22.10
C TYR C 30 11.43 -46.96 -23.59
N GLN C 31 12.46 -47.35 -24.32
CA GLN C 31 12.32 -47.60 -25.75
C GLN C 31 11.25 -48.65 -26.03
N GLU C 32 11.25 -49.72 -25.23
CA GLU C 32 10.26 -50.78 -25.40
C GLU C 32 8.88 -50.21 -25.12
N LEU C 33 8.77 -49.43 -24.04
CA LEU C 33 7.50 -48.80 -23.70
C LEU C 33 7.05 -47.96 -24.88
N LYS C 34 7.98 -47.22 -25.46
CA LYS C 34 7.67 -46.37 -26.60
C LYS C 34 7.16 -47.19 -27.76
N LYS C 35 7.84 -48.30 -28.06
CA LYS C 35 7.42 -49.16 -29.14
C LYS C 35 5.98 -49.61 -28.94
N ARG C 36 5.70 -50.14 -27.75
CA ARG C 36 4.37 -50.65 -27.42
C ARG C 36 3.34 -49.56 -27.16
N GLY C 37 3.69 -48.31 -27.42
CA GLY C 37 2.75 -47.22 -27.22
C GLY C 37 2.30 -46.96 -25.79
N ILE C 38 3.18 -47.23 -24.83
CA ILE C 38 2.86 -47.00 -23.43
C ILE C 38 3.47 -45.67 -22.95
N LYS C 39 2.63 -44.80 -22.40
CA LYS C 39 3.09 -43.49 -21.94
C LYS C 39 3.75 -43.50 -20.57
N PHE C 40 4.83 -42.72 -20.43
CA PHE C 40 5.57 -42.62 -19.18
C PHE C 40 5.33 -41.24 -18.57
N VAL C 41 4.97 -41.20 -17.30
CA VAL C 41 4.69 -39.95 -16.62
C VAL C 41 5.42 -39.77 -15.31
N VAL C 42 5.97 -38.59 -15.11
CA VAL C 42 6.67 -38.27 -13.87
C VAL C 42 5.73 -37.37 -13.06
N ALA C 43 5.26 -37.88 -11.92
CA ALA C 43 4.36 -37.12 -11.04
C ALA C 43 5.09 -36.91 -9.72
N SER C 44 5.53 -35.67 -9.48
CA SER C 44 6.30 -35.35 -8.30
C SER C 44 5.90 -34.02 -7.67
N GLY C 45 6.31 -33.83 -6.42
CA GLY C 45 6.02 -32.57 -5.75
C GLY C 45 7.08 -31.55 -6.12
N ASN C 46 8.15 -31.99 -6.77
CA ASN C 46 9.23 -31.07 -7.14
C ASN C 46 8.87 -30.17 -8.31
N GLN C 47 9.68 -29.13 -8.48
CA GLN C 47 9.50 -28.14 -9.54
C GLN C 47 9.68 -28.76 -10.93
N TYR C 48 8.89 -28.28 -11.88
CA TYR C 48 8.96 -28.74 -13.25
C TYR C 48 10.40 -28.62 -13.75
N TYR C 49 11.00 -27.45 -13.57
CA TYR C 49 12.37 -27.22 -14.01
C TYR C 49 13.40 -28.14 -13.37
N GLN C 50 13.07 -28.69 -12.20
CA GLN C 50 13.96 -29.61 -11.51
C GLN C 50 13.77 -30.99 -12.15
N LEU C 51 12.52 -31.37 -12.36
CA LEU C 51 12.18 -32.68 -12.94
C LEU C 51 12.78 -32.94 -14.31
N ILE C 52 12.75 -31.96 -15.20
CA ILE C 52 13.30 -32.18 -16.54
C ILE C 52 14.81 -32.35 -16.55
N SER C 53 15.48 -31.91 -15.48
CA SER C 53 16.94 -32.05 -15.41
C SER C 53 17.30 -33.52 -15.24
N PHE C 54 16.34 -34.34 -14.84
CA PHE C 54 16.55 -35.76 -14.64
C PHE C 54 16.33 -36.57 -15.93
N PHE C 55 15.71 -35.96 -16.93
CA PHE C 55 15.45 -36.62 -18.20
C PHE C 55 15.74 -35.62 -19.32
N PRO C 56 16.96 -35.07 -19.35
CA PRO C 56 17.40 -34.09 -20.36
C PRO C 56 17.10 -34.48 -21.79
N GLU C 57 17.26 -35.77 -22.10
CA GLU C 57 17.05 -36.24 -23.45
C GLU C 57 15.61 -36.68 -23.78
N LEU C 58 14.81 -36.92 -22.75
CA LEU C 58 13.42 -37.34 -22.97
C LEU C 58 12.42 -36.26 -22.56
N LYS C 59 12.95 -35.12 -22.14
CA LYS C 59 12.16 -33.97 -21.69
C LYS C 59 10.87 -33.65 -22.46
N ASP C 60 10.95 -33.63 -23.79
CA ASP C 60 9.80 -33.30 -24.62
C ASP C 60 8.93 -34.49 -25.04
N GLU C 61 9.33 -35.69 -24.66
CA GLU C 61 8.54 -36.87 -25.02
C GLU C 61 7.63 -37.28 -23.87
N ILE C 62 8.22 -37.54 -22.71
CA ILE C 62 7.44 -37.95 -21.55
C ILE C 62 6.63 -36.77 -21.01
N SER C 63 5.69 -37.06 -20.10
CA SER C 63 4.85 -36.02 -19.50
C SER C 63 5.20 -35.79 -18.04
N PHE C 64 4.88 -34.60 -17.53
CA PHE C 64 5.20 -34.27 -16.15
C PHE C 64 4.03 -33.66 -15.37
N VAL C 65 3.80 -34.19 -14.21
CA VAL C 65 2.82 -33.72 -13.26
C VAL C 65 3.63 -33.16 -12.13
N ALA C 66 4.09 -31.92 -12.27
CA ALA C 66 4.95 -31.28 -11.28
C ALA C 66 4.18 -30.56 -10.17
N GLU C 67 4.90 -30.18 -9.11
CA GLU C 67 4.30 -29.47 -7.99
C GLU C 67 3.02 -30.17 -7.51
N ASN C 68 3.07 -31.50 -7.44
CA ASN C 68 1.94 -32.32 -7.01
C ASN C 68 0.69 -32.16 -7.87
N GLY C 69 0.86 -31.61 -9.07
CA GLY C 69 -0.29 -31.43 -9.94
C GLY C 69 -0.61 -29.97 -10.26
N ALA C 70 0.14 -29.05 -9.65
CA ALA C 70 -0.10 -27.63 -9.91
C ALA C 70 0.44 -27.17 -11.27
N LEU C 71 1.30 -27.97 -11.88
CA LEU C 71 1.85 -27.62 -13.19
C LEU C 71 2.02 -28.91 -13.98
N VAL C 72 1.28 -29.01 -15.08
CA VAL C 72 1.31 -30.22 -15.91
C VAL C 72 1.77 -29.95 -17.33
N TYR C 73 2.71 -30.76 -17.80
CA TYR C 73 3.25 -30.67 -19.15
C TYR C 73 3.00 -31.97 -19.90
N GLU C 74 2.69 -31.86 -21.18
CA GLU C 74 2.43 -33.01 -22.04
C GLU C 74 3.13 -32.75 -23.37
N HIS C 75 3.92 -33.71 -23.84
CA HIS C 75 4.63 -33.53 -25.10
C HIS C 75 5.46 -32.24 -25.12
N GLY C 76 6.00 -31.86 -23.97
CA GLY C 76 6.82 -30.66 -23.90
C GLY C 76 6.07 -29.35 -23.97
N LYS C 77 4.74 -29.41 -23.81
CA LYS C 77 3.90 -28.21 -23.85
C LYS C 77 3.08 -28.10 -22.58
N GLN C 78 3.04 -26.90 -22.01
CA GLN C 78 2.28 -26.68 -20.78
C GLN C 78 0.80 -26.97 -21.00
N LEU C 79 0.27 -27.91 -20.24
CA LEU C 79 -1.13 -28.30 -20.36
C LEU C 79 -2.03 -27.59 -19.35
N PHE C 80 -1.52 -27.41 -18.14
CA PHE C 80 -2.30 -26.78 -17.08
C PHE C 80 -1.46 -26.26 -15.93
N HIS C 81 -1.97 -25.25 -15.24
CA HIS C 81 -1.29 -24.73 -14.06
C HIS C 81 -2.35 -24.18 -13.13
N GLY C 82 -2.19 -24.46 -11.84
CA GLY C 82 -3.13 -23.97 -10.85
C GLY C 82 -2.77 -22.53 -10.50
N GLU C 83 -3.59 -21.89 -9.68
CA GLU C 83 -3.30 -20.50 -9.34
C GLU C 83 -4.05 -20.01 -8.12
N LEU C 84 -3.31 -19.50 -7.14
CA LEU C 84 -3.92 -18.93 -5.94
C LEU C 84 -4.09 -17.46 -6.26
N THR C 85 -5.13 -16.84 -5.70
CA THR C 85 -5.34 -15.42 -5.92
C THR C 85 -4.40 -14.74 -4.93
N ARG C 86 -4.10 -13.48 -5.18
CA ARG C 86 -3.21 -12.72 -4.30
C ARG C 86 -3.76 -12.75 -2.88
N HIS C 87 -5.08 -12.58 -2.77
CA HIS C 87 -5.74 -12.59 -1.46
C HIS C 87 -5.49 -13.92 -0.75
N GLU C 88 -5.57 -15.02 -1.50
CA GLU C 88 -5.34 -16.34 -0.92
C GLU C 88 -3.88 -16.52 -0.50
N SER C 89 -2.95 -16.22 -1.39
CA SER C 89 -1.53 -16.37 -1.05
C SER C 89 -1.16 -15.50 0.16
N ARG C 90 -1.75 -14.32 0.26
CA ARG C 90 -1.48 -13.43 1.39
C ARG C 90 -1.90 -14.13 2.69
N ILE C 91 -3.09 -14.72 2.69
CA ILE C 91 -3.60 -15.43 3.86
C ILE C 91 -2.69 -16.59 4.26
N VAL C 92 -2.30 -17.40 3.27
CA VAL C 92 -1.42 -18.53 3.56
C VAL C 92 -0.07 -18.06 4.11
N ILE C 93 0.51 -17.05 3.47
CA ILE C 93 1.81 -16.53 3.92
C ILE C 93 1.66 -15.96 5.32
N GLY C 94 0.59 -15.19 5.54
CA GLY C 94 0.39 -14.62 6.85
C GLY C 94 0.41 -15.70 7.92
N GLU C 95 -0.24 -16.82 7.62
CA GLU C 95 -0.31 -17.92 8.56
C GLU C 95 1.04 -18.60 8.78
N LEU C 96 1.80 -18.80 7.71
CA LEU C 96 3.12 -19.43 7.83
C LEU C 96 4.05 -18.56 8.67
N LEU C 97 3.91 -17.25 8.54
CA LEU C 97 4.74 -16.30 9.27
C LEU C 97 4.49 -16.34 10.78
N LYS C 98 3.27 -16.68 11.20
CA LYS C 98 2.93 -16.74 12.62
C LYS C 98 3.87 -17.69 13.37
N ASP C 99 4.34 -18.72 12.69
CA ASP C 99 5.27 -19.68 13.30
C ASP C 99 6.67 -19.15 13.02
N LYS C 100 7.17 -18.30 13.92
CA LYS C 100 8.48 -17.67 13.76
C LYS C 100 9.69 -18.59 13.81
N GLN C 101 9.48 -19.87 13.55
CA GLN C 101 10.59 -20.82 13.54
C GLN C 101 10.57 -21.60 12.23
N LEU C 102 9.40 -21.61 11.58
CA LEU C 102 9.21 -22.34 10.33
C LEU C 102 9.91 -21.77 9.08
N ASN C 103 10.56 -22.65 8.32
CA ASN C 103 11.24 -22.24 7.09
C ASN C 103 10.40 -22.79 5.93
N PHE C 104 10.16 -21.96 4.91
CA PHE C 104 9.36 -22.37 3.77
C PHE C 104 9.70 -21.61 2.49
N VAL C 105 9.19 -22.12 1.37
CA VAL C 105 9.41 -21.48 0.07
C VAL C 105 8.06 -21.37 -0.61
N ALA C 106 7.93 -20.34 -1.44
CA ALA C 106 6.70 -20.10 -2.20
C ALA C 106 6.99 -20.63 -3.60
N CYS C 107 6.12 -21.51 -4.10
CA CYS C 107 6.29 -22.12 -5.42
C CYS C 107 5.43 -21.45 -6.47
N GLY C 108 6.08 -20.92 -7.51
CA GLY C 108 5.37 -20.23 -8.57
C GLY C 108 5.56 -20.80 -9.96
N LEU C 109 4.79 -20.28 -10.90
CA LEU C 109 4.83 -20.72 -12.30
C LEU C 109 6.19 -20.56 -12.96
N GLN C 110 6.82 -19.40 -12.74
CA GLN C 110 8.12 -19.09 -13.33
C GLN C 110 9.30 -19.49 -12.44
N SER C 111 9.09 -19.51 -11.13
CA SER C 111 10.17 -19.85 -10.20
C SER C 111 9.63 -20.04 -8.79
N ALA C 112 10.48 -20.53 -7.89
CA ALA C 112 10.14 -20.70 -6.51
C ALA C 112 10.79 -19.49 -5.81
N TYR C 113 10.36 -19.17 -4.60
CA TYR C 113 10.92 -18.04 -3.89
C TYR C 113 11.18 -18.35 -2.43
N VAL C 114 12.20 -17.70 -1.87
CA VAL C 114 12.56 -17.90 -0.48
C VAL C 114 13.11 -16.59 0.08
N SER C 115 12.90 -16.35 1.37
CA SER C 115 13.40 -15.12 1.98
C SER C 115 14.93 -15.03 1.89
N GLU C 116 15.44 -13.85 1.57
CA GLU C 116 16.87 -13.63 1.48
C GLU C 116 17.51 -13.81 2.84
N ASN C 117 16.69 -13.87 3.89
CA ASN C 117 17.21 -14.02 5.24
C ASN C 117 17.09 -15.43 5.81
N ALA C 118 16.56 -16.35 5.03
CA ALA C 118 16.41 -17.74 5.47
C ALA C 118 17.81 -18.34 5.59
N PRO C 119 18.02 -19.26 6.56
CA PRO C 119 19.34 -19.88 6.74
C PRO C 119 19.85 -20.53 5.45
N GLU C 120 21.13 -20.33 5.15
CA GLU C 120 21.74 -20.88 3.94
C GLU C 120 21.51 -22.38 3.77
N ALA C 121 21.55 -23.13 4.86
CA ALA C 121 21.36 -24.57 4.80
C ALA C 121 19.95 -24.93 4.28
N PHE C 122 18.96 -24.13 4.67
CA PHE C 122 17.60 -24.38 4.22
C PHE C 122 17.50 -24.05 2.74
N VAL C 123 18.07 -22.92 2.33
CA VAL C 123 18.02 -22.53 0.93
C VAL C 123 18.70 -23.60 0.07
N ALA C 124 19.87 -24.05 0.51
CA ALA C 124 20.61 -25.08 -0.21
C ALA C 124 19.79 -26.35 -0.38
N LEU C 125 19.13 -26.77 0.69
CA LEU C 125 18.32 -27.97 0.65
C LEU C 125 17.19 -27.83 -0.38
N MET C 126 16.47 -26.71 -0.31
CA MET C 126 15.37 -26.47 -1.23
C MET C 126 15.85 -26.30 -2.67
N ALA C 127 17.07 -25.81 -2.86
CA ALA C 127 17.61 -25.63 -4.20
C ALA C 127 17.70 -26.97 -4.93
N LYS C 128 17.73 -28.06 -4.15
CA LYS C 128 17.81 -29.40 -4.74
C LYS C 128 16.46 -29.85 -5.28
N HIS C 129 15.38 -29.18 -4.85
CA HIS C 129 14.04 -29.51 -5.29
C HIS C 129 13.47 -28.46 -6.26
N TYR C 130 14.03 -27.26 -6.23
CA TYR C 130 13.61 -26.17 -7.11
C TYR C 130 14.85 -25.53 -7.74
N HIS C 131 15.15 -25.90 -8.98
CA HIS C 131 16.33 -25.35 -9.66
C HIS C 131 16.17 -23.87 -9.96
N ARG C 132 14.92 -23.41 -9.97
CA ARG C 132 14.65 -22.00 -10.16
C ARG C 132 14.13 -21.54 -8.81
N LEU C 133 15.04 -20.95 -8.04
CA LEU C 133 14.75 -20.49 -6.70
C LEU C 133 15.34 -19.10 -6.53
N LYS C 134 14.47 -18.12 -6.31
CA LYS C 134 14.92 -16.74 -6.16
C LYS C 134 14.70 -16.14 -4.78
N PRO C 135 15.74 -15.51 -4.21
CA PRO C 135 15.64 -14.89 -2.89
C PRO C 135 14.83 -13.60 -3.04
N VAL C 136 14.04 -13.28 -2.03
CA VAL C 136 13.23 -12.06 -2.05
C VAL C 136 13.32 -11.38 -0.69
N LYS C 137 13.26 -10.06 -0.68
CA LYS C 137 13.32 -9.32 0.59
C LYS C 137 11.97 -9.48 1.28
N ASP C 138 10.91 -9.56 0.48
CA ASP C 138 9.56 -9.74 0.99
C ASP C 138 8.78 -10.51 -0.04
N TYR C 139 7.83 -11.33 0.43
CA TYR C 139 7.04 -12.14 -0.48
C TYR C 139 6.11 -11.40 -1.42
N GLN C 140 5.92 -10.10 -1.21
CA GLN C 140 5.02 -9.39 -2.10
C GLN C 140 5.69 -8.67 -3.26
N GLU C 141 7.01 -8.80 -3.34
CA GLU C 141 7.74 -8.20 -4.43
C GLU C 141 7.68 -9.25 -5.53
N ILE C 142 7.06 -10.39 -5.20
CA ILE C 142 6.92 -11.50 -6.14
C ILE C 142 6.01 -11.21 -7.33
N ASP C 143 6.62 -11.15 -8.50
CA ASP C 143 5.90 -10.91 -9.75
C ASP C 143 5.76 -12.28 -10.39
N ASP C 144 4.75 -13.03 -9.96
CA ASP C 144 4.53 -14.38 -10.48
C ASP C 144 3.23 -14.94 -9.90
N VAL C 145 2.78 -16.05 -10.47
CA VAL C 145 1.59 -16.74 -9.99
C VAL C 145 2.09 -17.80 -9.04
N LEU C 146 1.49 -17.90 -7.86
CA LEU C 146 1.89 -18.90 -6.87
C LEU C 146 0.82 -20.00 -6.81
N PHE C 147 1.25 -21.25 -6.64
CA PHE C 147 0.30 -22.34 -6.57
C PHE C 147 0.62 -23.43 -5.55
N LYS C 148 1.68 -23.23 -4.78
CA LYS C 148 2.07 -24.22 -3.79
C LYS C 148 3.11 -23.62 -2.85
N PHE C 149 3.25 -24.24 -1.69
CA PHE C 149 4.25 -23.82 -0.72
C PHE C 149 4.86 -25.13 -0.22
N SER C 150 6.09 -25.06 0.27
CA SER C 150 6.74 -26.25 0.80
C SER C 150 7.55 -25.88 2.03
N LEU C 151 7.52 -26.78 3.01
CA LEU C 151 8.23 -26.58 4.27
C LEU C 151 9.17 -27.73 4.57
N ASN C 152 10.22 -27.43 5.34
CA ASN C 152 11.16 -28.45 5.76
C ASN C 152 11.37 -28.25 7.26
N LEU C 153 11.13 -29.31 8.02
CA LEU C 153 11.27 -29.23 9.47
C LEU C 153 11.51 -30.61 10.06
N PRO C 154 11.85 -30.69 11.35
CA PRO C 154 12.09 -32.01 11.96
C PRO C 154 10.87 -32.90 11.69
N ASP C 155 11.12 -34.09 11.14
CA ASP C 155 10.05 -35.02 10.81
C ASP C 155 9.09 -35.28 11.96
N GLU C 156 9.63 -35.40 13.16
CA GLU C 156 8.85 -35.66 14.37
C GLU C 156 7.77 -34.62 14.63
N GLN C 157 8.00 -33.39 14.16
CA GLN C 157 7.06 -32.29 14.36
C GLN C 157 5.96 -32.22 13.31
N ILE C 158 6.09 -32.96 12.21
CA ILE C 158 5.13 -32.90 11.10
C ILE C 158 3.66 -33.15 11.49
N PRO C 159 3.32 -34.31 12.03
CA PRO C 159 1.92 -34.59 12.41
C PRO C 159 1.20 -33.40 13.02
N LEU C 160 1.80 -32.81 14.06
CA LEU C 160 1.20 -31.68 14.71
C LEU C 160 1.17 -30.47 13.77
N VAL C 161 2.28 -30.18 13.09
CA VAL C 161 2.25 -29.00 12.22
C VAL C 161 1.20 -29.19 11.12
N ILE C 162 1.02 -30.42 10.64
CA ILE C 162 0.01 -30.65 9.62
C ILE C 162 -1.39 -30.38 10.17
N ASP C 163 -1.66 -30.85 11.39
CA ASP C 163 -2.97 -30.64 12.00
C ASP C 163 -3.29 -29.16 12.21
N LYS C 164 -2.29 -28.37 12.61
CA LYS C 164 -2.54 -26.95 12.83
C LYS C 164 -2.70 -26.19 11.52
N LEU C 165 -1.93 -26.58 10.49
CA LEU C 165 -2.04 -25.92 9.19
C LEU C 165 -3.38 -26.33 8.58
N HIS C 166 -3.72 -27.59 8.76
CA HIS C 166 -4.97 -28.12 8.25
C HIS C 166 -6.14 -27.25 8.71
N VAL C 167 -6.20 -26.97 10.00
CA VAL C 167 -7.27 -26.15 10.55
C VAL C 167 -7.09 -24.67 10.18
N ALA C 168 -5.86 -24.18 10.26
CA ALA C 168 -5.58 -22.79 9.97
C ALA C 168 -5.88 -22.41 8.52
N LEU C 169 -5.62 -23.31 7.58
CA LEU C 169 -5.84 -23.02 6.17
C LEU C 169 -7.03 -23.75 5.56
N ASP C 170 -7.93 -24.22 6.43
CA ASP C 170 -9.10 -24.95 5.98
C ASP C 170 -9.84 -24.23 4.87
N GLY C 171 -9.99 -24.90 3.73
CA GLY C 171 -10.71 -24.30 2.62
C GLY C 171 -9.86 -23.46 1.67
N ILE C 172 -8.62 -23.17 2.04
CA ILE C 172 -7.74 -22.38 1.18
C ILE C 172 -6.66 -23.28 0.59
N MET C 173 -6.01 -24.07 1.45
CA MET C 173 -4.97 -25.01 1.01
C MET C 173 -4.95 -26.21 1.95
N LYS C 174 -4.44 -27.33 1.45
CA LYS C 174 -4.35 -28.58 2.22
C LYS C 174 -2.88 -28.98 2.42
N PRO C 175 -2.50 -29.34 3.65
CA PRO C 175 -1.13 -29.74 3.98
C PRO C 175 -0.98 -31.24 3.73
N VAL C 176 0.16 -31.66 3.20
CA VAL C 176 0.39 -33.08 2.96
C VAL C 176 1.87 -33.36 3.07
N THR C 177 2.21 -34.51 3.64
CA THR C 177 3.63 -34.86 3.79
C THR C 177 4.08 -35.51 2.49
N SER C 178 5.26 -35.11 2.02
CA SER C 178 5.80 -35.63 0.76
C SER C 178 7.04 -36.48 1.00
N GLY C 179 7.42 -36.64 2.26
CA GLY C 179 8.60 -37.43 2.56
C GLY C 179 9.25 -36.96 3.86
N PHE C 180 10.33 -37.60 4.25
CA PHE C 180 11.01 -37.25 5.48
C PHE C 180 11.33 -35.76 5.60
N GLY C 181 10.70 -35.12 6.58
CA GLY C 181 10.94 -33.71 6.85
C GLY C 181 10.28 -32.66 5.97
N PHE C 182 9.41 -33.08 5.06
CA PHE C 182 8.75 -32.13 4.15
C PHE C 182 7.24 -32.06 4.27
N ILE C 183 6.68 -30.86 4.13
CA ILE C 183 5.25 -30.69 4.13
C ILE C 183 4.96 -29.81 2.92
N ASP C 184 3.98 -30.18 2.11
CA ASP C 184 3.60 -29.37 0.96
C ASP C 184 2.20 -28.83 1.25
N LEU C 185 1.96 -27.60 0.82
CA LEU C 185 0.67 -26.96 0.97
C LEU C 185 0.14 -26.87 -0.47
N ILE C 186 -0.97 -27.52 -0.76
CA ILE C 186 -1.53 -27.49 -2.11
C ILE C 186 -2.95 -26.99 -2.15
N ILE C 187 -3.35 -26.52 -3.33
CA ILE C 187 -4.71 -26.09 -3.55
C ILE C 187 -5.57 -27.31 -3.35
N PRO C 188 -6.68 -27.24 -2.58
CA PRO C 188 -7.53 -28.42 -2.35
C PRO C 188 -7.91 -29.18 -3.62
N GLY C 189 -7.63 -30.49 -3.62
CA GLY C 189 -7.97 -31.29 -4.77
C GLY C 189 -6.95 -31.26 -5.89
N LEU C 190 -6.01 -30.32 -5.83
CA LEU C 190 -4.98 -30.23 -6.87
C LEU C 190 -3.82 -31.15 -6.53
N HIS C 191 -4.12 -32.45 -6.48
CA HIS C 191 -3.11 -33.45 -6.16
C HIS C 191 -2.66 -34.22 -7.40
N LYS C 192 -1.72 -35.15 -7.23
CA LYS C 192 -1.19 -35.91 -8.36
C LYS C 192 -2.26 -36.64 -9.17
N ALA C 193 -3.25 -37.22 -8.51
CA ALA C 193 -4.31 -37.93 -9.21
C ALA C 193 -5.07 -36.94 -10.10
N ASN C 194 -5.29 -35.73 -9.58
CA ASN C 194 -5.99 -34.70 -10.34
C ASN C 194 -5.15 -34.36 -11.59
N GLY C 195 -3.83 -34.30 -11.41
CA GLY C 195 -2.95 -34.01 -12.53
C GLY C 195 -2.97 -35.10 -13.58
N ILE C 196 -2.81 -36.34 -13.13
CA ILE C 196 -2.82 -37.49 -14.03
C ILE C 196 -4.13 -37.52 -14.83
N SER C 197 -5.24 -37.25 -14.15
CA SER C 197 -6.55 -37.26 -14.79
C SER C 197 -6.65 -36.30 -15.97
N ARG C 198 -5.94 -35.18 -15.90
CA ARG C 198 -5.97 -34.21 -16.99
C ARG C 198 -5.26 -34.83 -18.18
N LEU C 199 -4.19 -35.56 -17.92
CA LEU C 199 -3.47 -36.22 -19.00
C LEU C 199 -4.36 -37.34 -19.57
N LEU C 200 -4.96 -38.15 -18.70
CA LEU C 200 -5.83 -39.23 -19.16
C LEU C 200 -6.96 -38.68 -20.01
N LYS C 201 -7.57 -37.58 -19.57
CA LYS C 201 -8.66 -36.97 -20.33
C LYS C 201 -8.16 -36.60 -21.72
N ARG C 202 -7.01 -35.93 -21.75
CA ARG C 202 -6.40 -35.51 -23.01
C ARG C 202 -6.09 -36.72 -23.91
N TRP C 203 -5.65 -37.83 -23.31
CA TRP C 203 -5.30 -39.01 -24.10
C TRP C 203 -6.45 -39.97 -24.34
N ASP C 204 -7.62 -39.68 -23.79
CA ASP C 204 -8.78 -40.56 -23.94
C ASP C 204 -8.54 -41.90 -23.28
N LEU C 205 -7.94 -41.88 -22.09
CA LEU C 205 -7.66 -43.11 -21.35
C LEU C 205 -8.30 -43.06 -19.97
N SER C 206 -8.30 -44.18 -19.28
CA SER C 206 -8.90 -44.25 -17.96
C SER C 206 -7.97 -44.86 -16.92
N PRO C 207 -8.29 -44.68 -15.63
CA PRO C 207 -7.48 -45.22 -14.53
C PRO C 207 -7.23 -46.71 -14.66
N GLN C 208 -8.13 -47.41 -15.36
CA GLN C 208 -7.99 -48.85 -15.55
C GLN C 208 -6.72 -49.22 -16.29
N ASN C 209 -6.20 -48.29 -17.10
CA ASN C 209 -4.98 -48.57 -17.86
C ASN C 209 -3.76 -47.94 -17.21
N VAL C 210 -3.89 -47.56 -15.91
CA VAL C 210 -2.76 -46.87 -15.26
C VAL C 210 -1.99 -47.65 -14.20
N VAL C 211 -0.67 -47.52 -14.30
CA VAL C 211 0.26 -48.07 -13.35
C VAL C 211 0.78 -46.87 -12.59
N ALA C 212 0.72 -46.88 -11.26
CA ALA C 212 1.24 -45.76 -10.47
C ALA C 212 2.14 -46.29 -9.36
N ILE C 213 3.25 -45.60 -9.13
CA ILE C 213 4.22 -46.02 -8.10
C ILE C 213 4.59 -44.85 -7.19
N GLY C 214 4.39 -45.03 -5.89
CA GLY C 214 4.71 -43.97 -4.93
C GLY C 214 5.23 -44.45 -3.59
N ASP C 215 5.55 -43.50 -2.70
CA ASP C 215 6.08 -43.84 -1.38
C ASP C 215 5.57 -42.96 -0.22
N SER C 216 5.02 -41.80 -0.52
CA SER C 216 4.56 -40.89 0.55
C SER C 216 3.14 -40.32 0.44
N GLY C 217 2.80 -39.47 1.40
CA GLY C 217 1.49 -38.87 1.46
C GLY C 217 0.98 -38.18 0.20
N ASN C 218 1.87 -37.52 -0.53
CA ASN C 218 1.46 -36.83 -1.74
C ASN C 218 1.22 -37.79 -2.91
N ASP C 219 1.28 -39.10 -2.62
CA ASP C 219 1.03 -40.14 -3.63
C ASP C 219 -0.26 -40.87 -3.31
N ALA C 220 -0.86 -40.55 -2.17
CA ALA C 220 -2.09 -41.22 -1.72
C ALA C 220 -3.20 -41.32 -2.77
N GLU C 221 -3.70 -40.17 -3.24
CA GLU C 221 -4.77 -40.20 -4.22
C GLU C 221 -4.36 -40.82 -5.56
N MET C 222 -3.11 -40.62 -5.95
CA MET C 222 -2.61 -41.19 -7.18
C MET C 222 -2.69 -42.71 -7.09
N LEU C 223 -2.24 -43.24 -5.96
CA LEU C 223 -2.23 -44.68 -5.75
C LEU C 223 -3.62 -45.28 -5.60
N LYS C 224 -4.56 -44.53 -5.05
CA LYS C 224 -5.92 -45.04 -4.91
C LYS C 224 -6.62 -45.06 -6.26
N MET C 225 -6.29 -44.09 -7.12
CA MET C 225 -6.93 -43.98 -8.42
C MET C 225 -6.46 -44.99 -9.46
N ALA C 226 -5.15 -45.28 -9.49
CA ALA C 226 -4.60 -46.20 -10.48
C ALA C 226 -4.99 -47.66 -10.23
N ARG C 227 -5.36 -48.38 -11.28
CA ARG C 227 -5.72 -49.78 -11.11
C ARG C 227 -4.51 -50.55 -10.62
N TYR C 228 -3.36 -50.29 -11.23
CA TYR C 228 -2.14 -50.97 -10.84
C TYR C 228 -1.25 -50.07 -9.99
N SER C 229 -1.62 -49.93 -8.72
CA SER C 229 -0.89 -49.10 -7.77
C SER C 229 0.17 -49.88 -6.99
N PHE C 230 1.38 -49.34 -6.94
CA PHE C 230 2.49 -49.97 -6.23
C PHE C 230 3.11 -49.06 -5.18
N ALA C 231 3.34 -49.62 -3.99
CA ALA C 231 3.96 -48.88 -2.90
C ALA C 231 5.39 -49.36 -2.77
N MET C 232 6.35 -48.43 -2.83
CA MET C 232 7.76 -48.77 -2.71
C MET C 232 7.99 -49.52 -1.39
N GLY C 233 8.99 -50.38 -1.37
CA GLY C 233 9.27 -51.15 -0.17
C GLY C 233 9.47 -50.23 1.03
N ASN C 234 10.01 -49.05 0.76
CA ASN C 234 10.27 -48.05 1.79
C ASN C 234 9.15 -47.03 1.89
N ALA C 235 7.90 -47.48 1.81
CA ALA C 235 6.78 -46.55 1.87
C ALA C 235 6.09 -46.59 3.23
N ALA C 236 5.48 -45.47 3.60
CA ALA C 236 4.77 -45.38 4.86
C ALA C 236 3.69 -46.45 4.87
N GLU C 237 3.45 -47.04 6.03
CA GLU C 237 2.44 -48.09 6.15
C GLU C 237 1.08 -47.67 5.63
N ASN C 238 0.75 -46.39 5.78
CA ASN C 238 -0.54 -45.92 5.30
C ASN C 238 -0.57 -45.99 3.77
N ILE C 239 0.58 -45.76 3.15
CA ILE C 239 0.68 -45.82 1.70
C ILE C 239 0.62 -47.27 1.21
N LYS C 240 1.33 -48.16 1.89
CA LYS C 240 1.31 -49.56 1.53
C LYS C 240 -0.10 -50.13 1.62
N GLN C 241 -0.87 -49.64 2.59
CA GLN C 241 -2.25 -50.09 2.75
C GLN C 241 -3.09 -49.63 1.57
N ILE C 242 -2.80 -48.42 1.08
CA ILE C 242 -3.55 -47.86 -0.05
C ILE C 242 -3.24 -48.59 -1.36
N ALA C 243 -1.97 -48.83 -1.62
CA ALA C 243 -1.53 -49.50 -2.85
C ALA C 243 -1.96 -50.96 -2.93
N ARG C 244 -2.43 -51.36 -4.11
CA ARG C 244 -2.87 -52.73 -4.36
C ARG C 244 -1.71 -53.71 -4.31
N TYR C 245 -0.54 -53.26 -4.74
CA TYR C 245 0.63 -54.13 -4.79
C TYR C 245 1.88 -53.55 -4.13
N ALA C 246 2.90 -54.40 -4.03
CA ALA C 246 4.17 -54.02 -3.43
C ALA C 246 5.32 -54.34 -4.38
N THR C 247 6.43 -53.62 -4.20
CA THR C 247 7.64 -53.82 -4.99
C THR C 247 8.83 -53.45 -4.09
N ASP C 248 10.04 -53.60 -4.63
CA ASP C 248 11.26 -53.31 -3.88
C ASP C 248 11.32 -51.85 -3.40
N ASP C 249 12.26 -51.56 -2.51
CA ASP C 249 12.42 -50.20 -2.00
C ASP C 249 13.23 -49.38 -3.00
N ASN C 250 13.22 -48.06 -2.83
CA ASN C 250 13.90 -47.16 -3.74
C ASN C 250 15.40 -47.41 -3.93
N ASN C 251 16.01 -48.15 -3.03
CA ASN C 251 17.43 -48.45 -3.16
C ASN C 251 17.65 -49.80 -3.85
N HIS C 252 16.57 -50.39 -4.33
CA HIS C 252 16.62 -51.68 -5.01
C HIS C 252 15.84 -51.64 -6.31
N GLU C 253 15.91 -50.50 -6.98
CA GLU C 253 15.22 -50.28 -8.26
C GLU C 253 13.78 -50.77 -8.26
N GLY C 254 13.08 -50.55 -7.15
CA GLY C 254 11.69 -50.97 -7.05
C GLY C 254 10.81 -50.45 -8.18
N ALA C 255 11.04 -49.20 -8.59
CA ALA C 255 10.24 -48.61 -9.65
C ALA C 255 10.57 -49.24 -11.01
N LEU C 256 11.85 -49.52 -11.25
CA LEU C 256 12.25 -50.12 -12.51
C LEU C 256 11.78 -51.56 -12.61
N ASN C 257 11.64 -52.23 -11.46
CA ASN C 257 11.18 -53.61 -11.46
C ASN C 257 9.70 -53.69 -11.79
N VAL C 258 8.95 -52.64 -11.45
CA VAL C 258 7.52 -52.61 -11.77
C VAL C 258 7.40 -52.46 -13.28
N ILE C 259 8.26 -51.61 -13.85
CA ILE C 259 8.25 -51.38 -15.28
C ILE C 259 8.58 -52.71 -15.99
N GLN C 260 9.51 -53.46 -15.42
CA GLN C 260 9.92 -54.73 -16.01
C GLN C 260 8.76 -55.72 -16.03
N ALA C 261 8.01 -55.78 -14.93
CA ALA C 261 6.87 -56.69 -14.85
C ALA C 261 5.87 -56.36 -15.94
N VAL C 262 5.74 -55.07 -16.25
CA VAL C 262 4.84 -54.62 -17.30
C VAL C 262 5.38 -55.12 -18.64
N LEU C 263 6.68 -54.91 -18.87
CA LEU C 263 7.31 -55.30 -20.12
C LEU C 263 7.31 -56.82 -20.38
N ASP C 264 7.68 -57.61 -19.37
CA ASP C 264 7.71 -59.06 -19.54
C ASP C 264 6.39 -59.71 -19.16
N ASN C 265 5.38 -58.87 -18.96
CA ASN C 265 4.05 -59.33 -18.60
C ASN C 265 4.03 -60.36 -17.48
N THR C 266 4.49 -59.96 -16.29
CA THR C 266 4.47 -60.84 -15.14
C THR C 266 3.52 -60.25 -14.10
N TYR C 267 3.28 -60.98 -13.02
CA TYR C 267 2.37 -60.51 -11.97
C TYR C 267 2.59 -59.02 -11.71
N PRO C 268 1.50 -58.24 -11.62
CA PRO C 268 0.10 -58.68 -11.76
C PRO C 268 -0.50 -58.37 -13.13
N PHE C 269 0.34 -58.14 -14.13
CA PHE C 269 -0.15 -57.82 -15.46
C PHE C 269 -0.56 -59.08 -16.21
N ASN C 270 -0.21 -60.25 -15.63
CA ASN C 270 -0.55 -61.60 -16.07
C ASN C 270 0.54 -62.25 -16.91
N VAL D 3 32.80 -9.53 -30.33
CA VAL D 3 32.59 -10.82 -29.61
C VAL D 3 31.71 -11.76 -30.43
N LYS D 4 32.21 -12.96 -30.70
CA LYS D 4 31.49 -13.95 -31.48
C LYS D 4 31.25 -15.23 -30.69
N VAL D 5 32.03 -15.41 -29.62
CA VAL D 5 31.91 -16.60 -28.79
C VAL D 5 32.05 -16.27 -27.31
N ILE D 6 31.15 -16.83 -26.51
CA ILE D 6 31.20 -16.65 -25.06
C ILE D 6 31.30 -18.04 -24.45
N VAL D 7 32.39 -18.29 -23.74
CA VAL D 7 32.60 -19.59 -23.11
C VAL D 7 32.58 -19.44 -21.59
N THR D 8 31.80 -20.27 -20.91
CA THR D 8 31.75 -20.20 -19.46
C THR D 8 31.96 -21.54 -18.79
N BFD D 9 32.62 -21.51 -17.64
CA BFD D 9 32.85 -22.71 -16.86
C BFD D 9 31.58 -22.86 -16.02
O BFD D 9 30.78 -21.92 -15.95
CB BFD D 9 34.10 -22.53 -15.97
CG BFD D 9 34.16 -23.54 -14.85
OD1 BFD D 9 34.08 -24.75 -15.17
OD2 BFD D 9 34.24 -23.08 -13.69
BE BFD D 9 34.02 -26.02 -14.29
F1 BFD D 9 35.06 -26.99 -14.82
F2 BFD D 9 34.34 -25.78 -12.82
F3 BFD D 9 32.62 -26.58 -14.40
N MET D 10 31.38 -24.02 -15.38
CA MET D 10 30.16 -24.20 -14.57
C MET D 10 30.37 -24.10 -13.06
N ASP D 11 31.09 -25.04 -12.46
CA ASP D 11 31.32 -25.00 -11.03
C ASP D 11 32.14 -23.79 -10.61
N GLY D 12 31.60 -22.99 -9.70
CA GLY D 12 32.31 -21.80 -9.23
C GLY D 12 32.28 -20.66 -10.23
N THR D 13 31.50 -20.83 -11.28
CA THR D 13 31.39 -19.86 -12.34
C THR D 13 29.92 -19.57 -12.63
N PHE D 14 29.39 -20.23 -13.65
CA PHE D 14 28.03 -20.10 -14.13
C PHE D 14 27.00 -20.52 -13.06
N LEU D 15 27.40 -21.45 -12.20
CA LEU D 15 26.54 -21.94 -11.12
C LEU D 15 26.95 -21.37 -9.78
N ASN D 16 25.98 -21.11 -8.90
CA ASN D 16 26.30 -20.62 -7.56
C ASN D 16 26.71 -21.85 -6.74
N ASP D 17 26.99 -21.64 -5.46
CA ASP D 17 27.40 -22.76 -4.61
C ASP D 17 26.30 -23.81 -4.46
N ALA D 18 25.06 -23.39 -4.64
CA ALA D 18 23.93 -24.30 -4.53
C ALA D 18 23.64 -24.97 -5.86
N LYS D 19 24.57 -24.83 -6.80
CA LYS D 19 24.46 -25.42 -8.14
C LYS D 19 23.29 -24.94 -9.00
N THR D 20 22.84 -23.70 -8.79
CA THR D 20 21.74 -23.16 -9.57
C THR D 20 22.13 -21.84 -10.24
N TYR D 21 21.31 -21.40 -11.18
CA TYR D 21 21.54 -20.14 -11.87
C TYR D 21 20.22 -19.43 -12.16
N ASN D 22 20.30 -18.15 -12.49
CA ASN D 22 19.12 -17.33 -12.78
C ASN D 22 18.65 -17.69 -14.18
N GLN D 23 17.78 -18.71 -14.27
CA GLN D 23 17.29 -19.19 -15.56
C GLN D 23 16.53 -18.15 -16.37
N PRO D 24 15.58 -17.41 -15.76
CA PRO D 24 14.86 -16.42 -16.56
C PRO D 24 15.79 -15.36 -17.15
N ARG D 25 16.73 -14.86 -16.35
CA ARG D 25 17.65 -13.84 -16.82
C ARG D 25 18.51 -14.41 -17.94
N PHE D 26 19.08 -15.59 -17.71
CA PHE D 26 19.92 -16.20 -18.73
C PHE D 26 19.20 -16.47 -20.04
N MET D 27 17.96 -16.96 -19.96
CA MET D 27 17.20 -17.25 -21.18
C MET D 27 16.98 -16.00 -22.02
N ALA D 28 16.71 -14.88 -21.36
CA ALA D 28 16.51 -13.61 -22.05
C ALA D 28 17.82 -13.20 -22.74
N GLN D 29 18.93 -13.31 -22.01
CA GLN D 29 20.23 -12.95 -22.57
C GLN D 29 20.54 -13.87 -23.76
N TYR D 30 20.35 -15.17 -23.55
CA TYR D 30 20.61 -16.15 -24.59
C TYR D 30 19.90 -15.85 -25.90
N GLN D 31 18.63 -15.49 -25.83
CA GLN D 31 17.89 -15.20 -27.05
C GLN D 31 18.48 -14.01 -27.79
N GLU D 32 19.04 -13.06 -27.04
CA GLU D 32 19.66 -11.89 -27.66
C GLU D 32 20.98 -12.31 -28.30
N LEU D 33 21.72 -13.18 -27.62
CA LEU D 33 22.99 -13.67 -28.14
C LEU D 33 22.73 -14.39 -29.46
N LYS D 34 21.71 -15.25 -29.45
CA LYS D 34 21.33 -16.02 -30.63
C LYS D 34 20.98 -15.08 -31.77
N LYS D 35 20.26 -14.02 -31.43
CA LYS D 35 19.84 -13.03 -32.41
C LYS D 35 21.05 -12.38 -33.08
N ARG D 36 22.14 -12.19 -32.33
CA ARG D 36 23.34 -11.56 -32.86
C ARG D 36 24.35 -12.54 -33.48
N GLY D 37 24.08 -13.84 -33.37
CA GLY D 37 24.99 -14.81 -33.95
C GLY D 37 26.15 -15.15 -33.02
N ILE D 38 26.02 -14.79 -31.75
CA ILE D 38 27.06 -15.06 -30.77
C ILE D 38 26.83 -16.46 -30.20
N LYS D 39 27.83 -17.31 -30.33
CA LYS D 39 27.74 -18.69 -29.86
C LYS D 39 28.04 -18.86 -28.37
N PHE D 40 27.17 -19.59 -27.69
CA PHE D 40 27.33 -19.85 -26.27
C PHE D 40 27.97 -21.23 -26.10
N VAL D 41 29.05 -21.29 -25.32
CA VAL D 41 29.75 -22.55 -25.09
C VAL D 41 29.97 -22.82 -23.60
N VAL D 42 29.67 -24.05 -23.20
CA VAL D 42 29.86 -24.48 -21.83
C VAL D 42 31.13 -25.35 -21.78
N ALA D 43 32.15 -24.87 -21.06
CA ALA D 43 33.41 -25.62 -20.95
C ALA D 43 33.60 -26.01 -19.49
N SER D 44 33.42 -27.30 -19.21
CA SER D 44 33.50 -27.79 -17.84
C SER D 44 34.24 -29.10 -17.70
N GLY D 45 34.68 -29.38 -16.48
CA GLY D 45 35.37 -30.63 -16.23
C GLY D 45 34.32 -31.72 -16.06
N ASN D 46 33.05 -31.33 -15.90
CA ASN D 46 32.00 -32.32 -15.70
C ASN D 46 31.62 -33.14 -16.94
N GLN D 47 30.93 -34.23 -16.69
CA GLN D 47 30.48 -35.18 -17.71
C GLN D 47 29.45 -34.52 -18.62
N TYR D 48 29.46 -34.91 -19.90
CA TYR D 48 28.51 -34.35 -20.84
C TYR D 48 27.06 -34.57 -20.39
N TYR D 49 26.75 -35.77 -19.93
CA TYR D 49 25.38 -36.05 -19.50
C TYR D 49 24.96 -35.25 -18.27
N GLN D 50 25.92 -34.80 -17.47
CA GLN D 50 25.58 -34.00 -16.29
C GLN D 50 25.36 -32.56 -16.76
N LEU D 51 26.20 -32.10 -17.68
CA LEU D 51 26.09 -30.73 -18.18
C LEU D 51 24.76 -30.41 -18.86
N ILE D 52 24.25 -31.34 -19.67
CA ILE D 52 22.98 -31.09 -20.35
C ILE D 52 21.80 -31.03 -19.39
N SER D 53 21.96 -31.56 -18.17
CA SER D 53 20.89 -31.52 -17.18
C SER D 53 20.68 -30.07 -16.70
N PHE D 54 21.63 -29.20 -17.01
CA PHE D 54 21.53 -27.79 -16.61
C PHE D 54 20.92 -26.94 -17.73
N PHE D 55 20.91 -27.48 -18.94
CA PHE D 55 20.33 -26.76 -20.08
C PHE D 55 19.39 -27.69 -20.83
N PRO D 56 18.39 -28.25 -20.13
CA PRO D 56 17.40 -29.17 -20.73
C PRO D 56 16.70 -28.59 -21.95
N GLU D 57 16.36 -27.31 -21.86
CA GLU D 57 15.66 -26.65 -22.95
C GLU D 57 16.52 -26.15 -24.10
N LEU D 58 17.84 -26.00 -23.87
CA LEU D 58 18.74 -25.49 -24.91
C LEU D 58 19.87 -26.44 -25.32
N LYS D 59 19.94 -27.59 -24.66
CA LYS D 59 20.95 -28.60 -24.92
C LYS D 59 21.47 -28.69 -26.36
N ASP D 60 20.59 -28.99 -27.31
CA ASP D 60 21.01 -29.14 -28.70
C ASP D 60 21.30 -27.86 -29.48
N GLU D 61 21.11 -26.70 -28.84
CA GLU D 61 21.35 -25.41 -29.47
C GLU D 61 22.69 -24.77 -29.12
N ILE D 62 23.32 -25.29 -28.08
CA ILE D 62 24.60 -24.73 -27.67
C ILE D 62 25.72 -25.76 -27.82
N SER D 63 26.93 -25.38 -27.42
CA SER D 63 28.05 -26.31 -27.57
C SER D 63 28.64 -26.65 -26.23
N PHE D 64 29.20 -27.87 -26.13
CA PHE D 64 29.80 -28.32 -24.89
C PHE D 64 31.21 -28.84 -25.02
N VAL D 65 32.09 -28.29 -24.22
CA VAL D 65 33.45 -28.76 -24.12
C VAL D 65 33.48 -29.46 -22.77
N ALA D 66 33.05 -30.73 -22.75
CA ALA D 66 32.96 -31.51 -21.52
C ALA D 66 34.24 -32.26 -21.14
N GLU D 67 34.30 -32.70 -19.89
CA GLU D 67 35.45 -33.43 -19.36
C GLU D 67 36.72 -32.66 -19.71
N ASN D 68 36.70 -31.35 -19.44
CA ASN D 68 37.82 -30.45 -19.71
C ASN D 68 38.32 -30.45 -21.16
N GLY D 69 37.53 -31.03 -22.07
CA GLY D 69 37.95 -31.07 -23.47
C GLY D 69 38.06 -32.46 -24.06
N ALA D 70 37.84 -33.49 -23.24
CA ALA D 70 37.92 -34.86 -23.73
C ALA D 70 36.67 -35.29 -24.51
N LEU D 71 35.60 -34.50 -24.42
CA LEU D 71 34.37 -34.81 -25.15
C LEU D 71 33.77 -33.49 -25.57
N VAL D 72 33.68 -33.26 -26.88
CA VAL D 72 33.15 -31.99 -27.42
C VAL D 72 31.93 -32.17 -28.32
N TYR D 73 30.87 -31.42 -28.01
CA TYR D 73 29.64 -31.45 -28.80
C TYR D 73 29.40 -30.06 -29.36
N GLU D 74 28.98 -30.00 -30.62
CA GLU D 74 28.69 -28.73 -31.27
C GLU D 74 27.28 -28.79 -31.82
N HIS D 75 26.35 -28.13 -31.13
CA HIS D 75 24.96 -28.10 -31.59
C HIS D 75 24.34 -29.49 -31.76
N GLY D 76 24.50 -30.34 -30.76
CA GLY D 76 23.92 -31.67 -30.84
C GLY D 76 24.79 -32.75 -31.47
N LYS D 77 25.82 -32.34 -32.20
CA LYS D 77 26.70 -33.32 -32.83
C LYS D 77 27.97 -33.56 -32.04
N GLN D 78 28.29 -34.83 -31.81
CA GLN D 78 29.50 -35.18 -31.09
C GLN D 78 30.65 -34.96 -32.07
N LEU D 79 31.44 -33.94 -31.78
CA LEU D 79 32.55 -33.54 -32.64
C LEU D 79 33.85 -34.29 -32.39
N PHE D 80 34.17 -34.52 -31.11
CA PHE D 80 35.42 -35.19 -30.77
C PHE D 80 35.40 -35.79 -29.36
N HIS D 81 36.20 -36.84 -29.17
CA HIS D 81 36.34 -37.47 -27.86
C HIS D 81 37.74 -38.04 -27.80
N GLY D 82 38.45 -37.77 -26.71
CA GLY D 82 39.80 -38.28 -26.55
C GLY D 82 39.77 -39.74 -26.16
N GLU D 83 40.94 -40.36 -26.02
CA GLU D 83 40.97 -41.77 -25.65
C GLU D 83 42.34 -42.26 -25.17
N LEU D 84 42.34 -42.97 -24.05
CA LEU D 84 43.56 -43.55 -23.51
C LEU D 84 43.60 -44.98 -24.02
N THR D 85 44.80 -45.52 -24.27
CA THR D 85 44.91 -46.90 -24.73
C THR D 85 44.66 -47.73 -23.48
N ARG D 86 44.38 -49.02 -23.65
CA ARG D 86 44.13 -49.89 -22.50
C ARG D 86 45.28 -49.86 -21.52
N HIS D 87 46.51 -49.82 -22.04
CA HIS D 87 47.69 -49.79 -21.19
C HIS D 87 47.81 -48.46 -20.45
N GLU D 88 47.62 -47.36 -21.17
CA GLU D 88 47.70 -46.04 -20.57
C GLU D 88 46.75 -45.97 -19.37
N SER D 89 45.52 -46.42 -19.59
CA SER D 89 44.53 -46.40 -18.51
C SER D 89 44.92 -47.33 -17.36
N ARG D 90 45.39 -48.53 -17.70
CA ARG D 90 45.80 -49.49 -16.67
C ARG D 90 46.94 -48.92 -15.82
N ILE D 91 47.84 -48.18 -16.45
CA ILE D 91 48.95 -47.57 -15.71
C ILE D 91 48.42 -46.53 -14.73
N VAL D 92 47.51 -45.68 -15.18
CA VAL D 92 46.93 -44.66 -14.31
C VAL D 92 46.13 -45.30 -13.19
N ILE D 93 45.28 -46.26 -13.54
CA ILE D 93 44.47 -46.95 -12.53
C ILE D 93 45.36 -47.66 -11.52
N GLY D 94 46.40 -48.33 -12.02
CA GLY D 94 47.30 -49.01 -11.14
C GLY D 94 47.98 -48.02 -10.21
N GLU D 95 48.52 -46.95 -10.80
CA GLU D 95 49.20 -45.91 -10.02
C GLU D 95 48.31 -45.37 -8.90
N LEU D 96 47.05 -45.13 -9.20
CA LEU D 96 46.11 -44.61 -8.21
C LEU D 96 45.84 -45.62 -7.10
N LEU D 97 45.76 -46.90 -7.47
CA LEU D 97 45.49 -47.96 -6.50
C LEU D 97 46.57 -48.10 -5.43
N LYS D 98 47.75 -47.53 -5.67
CA LYS D 98 48.83 -47.60 -4.69
C LYS D 98 48.45 -46.95 -3.36
N ASP D 99 47.52 -45.99 -3.43
CA ASP D 99 47.08 -45.28 -2.22
C ASP D 99 45.63 -45.63 -1.88
N LYS D 100 45.48 -46.47 -0.86
CA LYS D 100 44.16 -46.91 -0.41
C LYS D 100 43.13 -45.80 -0.23
N GLN D 101 43.47 -44.78 0.53
CA GLN D 101 42.54 -43.68 0.77
C GLN D 101 42.49 -42.63 -0.33
N LEU D 102 42.83 -43.03 -1.55
CA LEU D 102 42.80 -42.11 -2.69
C LEU D 102 41.64 -42.50 -3.59
N ASN D 103 40.45 -42.04 -3.26
CA ASN D 103 39.24 -42.37 -4.03
C ASN D 103 39.21 -41.63 -5.37
N PHE D 104 38.81 -42.33 -6.42
CA PHE D 104 38.75 -41.73 -7.74
C PHE D 104 37.63 -42.26 -8.61
N VAL D 105 37.43 -41.61 -9.75
CA VAL D 105 36.41 -42.02 -10.70
C VAL D 105 37.07 -42.14 -12.08
N ALA D 106 36.65 -43.14 -12.84
CA ALA D 106 37.16 -43.34 -14.17
C ALA D 106 36.10 -42.71 -15.08
N CYS D 107 36.51 -41.76 -15.90
CA CYS D 107 35.55 -41.08 -16.77
C CYS D 107 35.61 -41.64 -18.18
N GLY D 108 34.49 -42.18 -18.65
CA GLY D 108 34.44 -42.75 -19.98
C GLY D 108 33.44 -42.12 -20.93
N LEU D 109 33.48 -42.58 -22.17
CA LEU D 109 32.60 -42.08 -23.23
C LEU D 109 31.12 -42.34 -22.96
N GLN D 110 30.79 -43.55 -22.53
CA GLN D 110 29.40 -43.90 -22.27
C GLN D 110 28.99 -43.62 -20.83
N SER D 111 29.94 -43.70 -19.92
CA SER D 111 29.63 -43.47 -18.52
C SER D 111 30.89 -43.26 -17.70
N ALA D 112 30.70 -42.93 -16.43
CA ALA D 112 31.79 -42.77 -15.51
C ALA D 112 31.80 -44.04 -14.67
N TYR D 113 32.88 -44.33 -13.97
CA TYR D 113 32.94 -45.54 -13.16
C TYR D 113 33.63 -45.32 -11.82
N VAL D 114 33.12 -45.97 -10.78
CA VAL D 114 33.68 -45.86 -9.44
C VAL D 114 33.61 -47.20 -8.70
N SER D 115 34.64 -47.48 -7.91
CA SER D 115 34.70 -48.71 -7.14
C SER D 115 33.45 -48.94 -6.30
N GLU D 116 32.97 -50.18 -6.26
CA GLU D 116 31.80 -50.48 -5.46
C GLU D 116 32.17 -50.44 -3.97
N ASN D 117 33.44 -50.21 -3.68
CA ASN D 117 33.91 -50.14 -2.30
C ASN D 117 34.21 -48.71 -1.89
N ALA D 118 33.84 -47.76 -2.74
CA ALA D 118 34.08 -46.35 -2.45
C ALA D 118 33.17 -45.88 -1.33
N PRO D 119 33.65 -44.93 -0.51
CA PRO D 119 32.83 -44.41 0.59
C PRO D 119 31.53 -43.86 0.03
N GLU D 120 30.45 -44.01 0.80
CA GLU D 120 29.14 -43.54 0.37
C GLU D 120 29.19 -42.04 0.05
N ALA D 121 29.91 -41.29 0.88
CA ALA D 121 30.05 -39.85 0.70
C ALA D 121 30.74 -39.49 -0.62
N PHE D 122 31.78 -40.24 -0.97
CA PHE D 122 32.50 -39.99 -2.21
C PHE D 122 31.58 -40.19 -3.40
N VAL D 123 30.85 -41.30 -3.40
CA VAL D 123 29.92 -41.63 -4.49
C VAL D 123 28.84 -40.56 -4.68
N ALA D 124 28.21 -40.15 -3.59
CA ALA D 124 27.17 -39.14 -3.67
C ALA D 124 27.72 -37.82 -4.19
N LEU D 125 28.93 -37.48 -3.75
CA LEU D 125 29.57 -36.25 -4.20
C LEU D 125 29.87 -36.28 -5.69
N MET D 126 30.45 -37.39 -6.15
CA MET D 126 30.78 -37.53 -7.56
C MET D 126 29.53 -37.63 -8.42
N ALA D 127 28.46 -38.15 -7.83
CA ALA D 127 27.19 -38.31 -8.53
C ALA D 127 26.65 -36.97 -9.03
N LYS D 128 27.03 -35.88 -8.37
CA LYS D 128 26.56 -34.55 -8.77
C LYS D 128 27.37 -34.00 -9.94
N HIS D 129 28.42 -34.72 -10.33
CA HIS D 129 29.27 -34.29 -11.43
C HIS D 129 29.18 -35.26 -12.61
N TYR D 130 28.83 -36.51 -12.30
CA TYR D 130 28.66 -37.55 -13.31
C TYR D 130 27.30 -38.19 -13.08
N HIS D 131 26.34 -37.83 -13.94
CA HIS D 131 24.98 -38.36 -13.83
C HIS D 131 24.88 -39.81 -14.29
N ARG D 132 25.95 -40.28 -14.91
CA ARG D 132 26.05 -41.66 -15.36
C ARG D 132 27.33 -42.17 -14.72
N LEU D 133 27.15 -42.72 -13.51
CA LEU D 133 28.25 -43.24 -12.71
C LEU D 133 27.92 -44.69 -12.33
N LYS D 134 28.68 -45.62 -12.87
CA LYS D 134 28.44 -47.04 -12.62
C LYS D 134 29.40 -47.70 -11.65
N PRO D 135 28.86 -48.41 -10.64
CA PRO D 135 29.71 -49.09 -9.65
C PRO D 135 30.37 -50.27 -10.36
N VAL D 136 31.64 -50.52 -10.03
CA VAL D 136 32.36 -51.64 -10.66
C VAL D 136 33.19 -52.42 -9.65
N LYS D 137 33.35 -53.70 -9.90
CA LYS D 137 34.13 -54.57 -9.03
C LYS D 137 35.61 -54.32 -9.28
N ASP D 138 35.94 -54.02 -10.54
CA ASP D 138 37.31 -53.77 -10.94
C ASP D 138 37.38 -52.73 -12.07
N TYR D 139 38.22 -51.72 -11.88
CA TYR D 139 38.39 -50.67 -12.88
C TYR D 139 39.10 -51.20 -14.12
N GLN D 140 39.86 -52.28 -13.94
CA GLN D 140 40.63 -52.88 -15.02
C GLN D 140 39.79 -53.59 -16.09
N GLU D 141 38.53 -53.87 -15.78
CA GLU D 141 37.66 -54.55 -16.72
C GLU D 141 36.46 -53.72 -17.17
N ILE D 142 36.73 -52.49 -17.58
CA ILE D 142 35.66 -51.60 -18.03
C ILE D 142 35.55 -51.62 -19.55
N ASP D 143 34.37 -51.96 -20.05
CA ASP D 143 34.14 -52.00 -21.49
C ASP D 143 33.65 -50.65 -21.96
N ASP D 144 34.58 -49.71 -22.13
CA ASP D 144 34.25 -48.35 -22.56
C ASP D 144 35.55 -47.62 -22.85
N VAL D 145 35.43 -46.45 -23.50
CA VAL D 145 36.58 -45.62 -23.80
C VAL D 145 36.80 -44.71 -22.60
N LEU D 146 38.01 -44.71 -22.05
CA LEU D 146 38.34 -43.87 -20.90
C LEU D 146 39.18 -42.68 -21.35
N PHE D 147 38.89 -41.49 -20.82
CA PHE D 147 39.66 -40.31 -21.21
C PHE D 147 39.93 -39.29 -20.11
N LYS D 148 39.61 -39.64 -18.87
CA LYS D 148 39.85 -38.75 -17.74
C LYS D 148 39.59 -39.48 -16.44
N PHE D 149 40.17 -38.96 -15.36
CA PHE D 149 39.97 -39.50 -14.03
C PHE D 149 39.77 -38.30 -13.13
N SER D 150 39.03 -38.47 -12.05
CA SER D 150 38.77 -37.39 -11.12
C SER D 150 38.83 -37.84 -9.66
N LEU D 151 39.47 -37.02 -8.83
CA LEU D 151 39.60 -37.31 -7.41
C LEU D 151 39.06 -36.14 -6.59
N ASN D 152 38.83 -36.39 -5.31
CA ASN D 152 38.34 -35.37 -4.39
C ASN D 152 38.96 -35.61 -3.02
N LEU D 153 39.65 -34.61 -2.50
CA LEU D 153 40.29 -34.72 -1.20
C LEU D 153 40.48 -33.34 -0.58
N PRO D 154 40.78 -33.30 0.72
CA PRO D 154 40.98 -32.01 1.39
C PRO D 154 42.05 -31.20 0.66
N ASP D 155 41.74 -29.94 0.37
CA ASP D 155 42.67 -29.06 -0.33
C ASP D 155 44.11 -29.13 0.14
N GLU D 156 44.32 -29.09 1.45
CA GLU D 156 45.66 -29.15 2.01
C GLU D 156 46.52 -30.21 1.35
N GLN D 157 45.92 -31.39 1.12
CA GLN D 157 46.62 -32.51 0.52
C GLN D 157 46.88 -32.35 -0.98
N ILE D 158 46.00 -31.61 -1.65
CA ILE D 158 46.09 -31.40 -3.09
C ILE D 158 47.50 -31.08 -3.64
N PRO D 159 48.16 -30.04 -3.12
CA PRO D 159 49.49 -29.69 -3.63
C PRO D 159 50.48 -30.86 -3.60
N LEU D 160 50.35 -31.70 -2.58
CA LEU D 160 51.23 -32.85 -2.44
C LEU D 160 50.86 -33.92 -3.46
N VAL D 161 49.60 -34.35 -3.43
CA VAL D 161 49.12 -35.37 -4.36
C VAL D 161 49.39 -34.99 -5.82
N ILE D 162 49.18 -33.73 -6.15
CA ILE D 162 49.42 -33.26 -7.51
C ILE D 162 50.87 -33.47 -7.94
N ASP D 163 51.80 -33.12 -7.07
CA ASP D 163 53.22 -33.28 -7.38
C ASP D 163 53.51 -34.78 -7.53
N LYS D 164 52.93 -35.56 -6.64
CA LYS D 164 53.10 -37.01 -6.66
C LYS D 164 52.57 -37.59 -7.97
N LEU D 165 51.33 -37.24 -8.31
CA LEU D 165 50.71 -37.72 -9.53
C LEU D 165 51.45 -37.23 -10.76
N HIS D 166 51.86 -35.97 -10.74
CA HIS D 166 52.58 -35.37 -11.87
C HIS D 166 53.82 -36.18 -12.22
N VAL D 167 54.53 -36.64 -11.20
CA VAL D 167 55.75 -37.42 -11.39
C VAL D 167 55.50 -38.84 -11.85
N ALA D 168 54.61 -39.53 -11.16
CA ALA D 168 54.27 -40.92 -11.48
C ALA D 168 53.56 -41.13 -12.81
N LEU D 169 52.78 -40.13 -13.25
CA LEU D 169 52.04 -40.25 -14.50
C LEU D 169 52.58 -39.40 -15.64
N ASP D 170 53.72 -38.77 -15.40
CA ASP D 170 54.34 -37.91 -16.41
C ASP D 170 54.41 -38.56 -17.79
N GLY D 171 53.88 -37.87 -18.79
CA GLY D 171 53.90 -38.39 -20.14
C GLY D 171 52.59 -39.04 -20.55
N ILE D 172 51.83 -39.49 -19.57
CA ILE D 172 50.55 -40.15 -19.83
C ILE D 172 49.38 -39.22 -19.54
N MET D 173 49.33 -38.69 -18.32
CA MET D 173 48.26 -37.77 -17.94
C MET D 173 48.79 -36.70 -17.00
N LYS D 174 48.18 -35.51 -17.02
CA LYS D 174 48.61 -34.42 -16.17
C LYS D 174 47.53 -34.06 -15.15
N PRO D 175 47.93 -33.82 -13.90
CA PRO D 175 46.96 -33.47 -12.86
C PRO D 175 46.67 -31.97 -12.89
N VAL D 176 45.45 -31.60 -12.52
CA VAL D 176 45.08 -30.19 -12.50
C VAL D 176 43.94 -30.03 -11.49
N THR D 177 43.94 -28.92 -10.75
CA THR D 177 42.88 -28.71 -9.79
C THR D 177 41.76 -27.96 -10.50
N SER D 178 40.52 -28.36 -10.24
CA SER D 178 39.38 -27.73 -10.90
C SER D 178 38.43 -27.10 -9.90
N GLY D 179 38.89 -26.92 -8.68
CA GLY D 179 38.03 -26.33 -7.68
C GLY D 179 38.17 -26.98 -6.33
N PHE D 180 37.39 -26.47 -5.38
CA PHE D 180 37.40 -26.95 -4.01
C PHE D 180 37.52 -28.48 -3.86
N GLY D 181 38.74 -28.91 -3.55
CA GLY D 181 39.06 -30.33 -3.30
C GLY D 181 39.04 -31.30 -4.49
N PHE D 182 38.87 -30.82 -5.71
CA PHE D 182 38.85 -31.69 -6.87
C PHE D 182 40.15 -31.69 -7.66
N ILE D 183 40.55 -32.86 -8.14
CA ILE D 183 41.75 -32.99 -8.95
C ILE D 183 41.39 -33.84 -10.16
N ASP D 184 41.63 -33.31 -11.36
CA ASP D 184 41.34 -34.07 -12.56
C ASP D 184 42.66 -34.53 -13.20
N LEU D 185 42.64 -35.72 -13.79
CA LEU D 185 43.77 -36.27 -14.49
C LEU D 185 43.36 -36.22 -15.96
N ILE D 186 44.05 -35.40 -16.76
CA ILE D 186 43.68 -35.27 -18.16
C ILE D 186 44.80 -35.64 -19.13
N ILE D 187 44.42 -35.98 -20.35
CA ILE D 187 45.40 -36.31 -21.36
C ILE D 187 46.12 -35.01 -21.68
N PRO D 188 47.46 -35.01 -21.62
CA PRO D 188 48.23 -33.79 -21.90
C PRO D 188 47.74 -33.02 -23.12
N GLY D 189 47.51 -31.73 -22.94
CA GLY D 189 47.05 -30.90 -24.04
C GLY D 189 45.55 -30.93 -24.27
N LEU D 190 44.86 -31.90 -23.69
CA LEU D 190 43.41 -31.99 -23.86
C LEU D 190 42.71 -31.15 -22.81
N HIS D 191 42.99 -29.84 -22.82
CA HIS D 191 42.39 -28.92 -21.86
C HIS D 191 41.25 -28.14 -22.52
N LYS D 192 40.61 -27.26 -21.76
CA LYS D 192 39.49 -26.50 -22.30
C LYS D 192 39.84 -25.65 -23.52
N ALA D 193 41.04 -25.05 -23.51
CA ALA D 193 41.45 -24.22 -24.64
C ALA D 193 41.53 -25.09 -25.88
N ASN D 194 42.05 -26.30 -25.72
CA ASN D 194 42.16 -27.22 -26.84
C ASN D 194 40.77 -27.49 -27.39
N GLY D 195 39.80 -27.69 -26.50
CA GLY D 195 38.45 -27.94 -26.92
C GLY D 195 37.82 -26.74 -27.60
N ILE D 196 38.06 -25.56 -27.06
CA ILE D 196 37.52 -24.33 -27.64
C ILE D 196 38.10 -24.12 -29.05
N SER D 197 39.40 -24.36 -29.20
CA SER D 197 40.03 -24.18 -30.50
C SER D 197 39.42 -25.07 -31.59
N ARG D 198 38.96 -26.26 -31.20
CA ARG D 198 38.33 -27.15 -32.16
C ARG D 198 37.07 -26.49 -32.70
N LEU D 199 36.34 -25.82 -31.82
CA LEU D 199 35.12 -25.15 -32.21
C LEU D 199 35.43 -23.91 -33.05
N LEU D 200 36.44 -23.15 -32.67
CA LEU D 200 36.81 -21.94 -33.40
C LEU D 200 37.21 -22.28 -34.83
N LYS D 201 37.90 -23.41 -34.98
CA LYS D 201 38.35 -23.86 -36.29
C LYS D 201 37.15 -24.12 -37.18
N ARG D 202 36.16 -24.83 -36.66
CA ARG D 202 34.95 -25.14 -37.41
C ARG D 202 34.14 -23.90 -37.73
N TRP D 203 34.23 -22.89 -36.88
CA TRP D 203 33.48 -21.67 -37.08
C TRP D 203 34.30 -20.60 -37.79
N ASP D 204 35.54 -20.93 -38.10
CA ASP D 204 36.44 -19.98 -38.76
C ASP D 204 36.55 -18.70 -37.94
N LEU D 205 36.69 -18.85 -36.62
CA LEU D 205 36.84 -17.71 -35.72
C LEU D 205 38.18 -17.83 -35.03
N SER D 206 38.60 -16.79 -34.33
CA SER D 206 39.88 -16.84 -33.63
C SER D 206 39.72 -16.43 -32.17
N PRO D 207 40.78 -16.57 -31.37
CA PRO D 207 40.73 -16.21 -29.95
C PRO D 207 40.29 -14.75 -29.73
N GLN D 208 40.61 -13.89 -30.70
CA GLN D 208 40.26 -12.49 -30.59
C GLN D 208 38.77 -12.25 -30.46
N ASN D 209 37.97 -13.23 -30.89
CA ASN D 209 36.51 -13.12 -30.83
C ASN D 209 35.92 -13.83 -29.62
N VAL D 210 36.78 -14.29 -28.72
CA VAL D 210 36.31 -15.07 -27.57
C VAL D 210 36.33 -14.42 -26.19
N VAL D 211 35.23 -14.65 -25.48
CA VAL D 211 35.03 -14.25 -24.12
C VAL D 211 35.06 -15.51 -23.30
N ALA D 212 35.91 -15.61 -22.29
CA ALA D 212 35.98 -16.82 -21.48
C ALA D 212 35.85 -16.44 -20.01
N ILE D 213 35.13 -17.27 -19.24
CA ILE D 213 34.88 -16.99 -17.83
C ILE D 213 35.19 -18.23 -16.99
N GLY D 214 36.04 -18.06 -15.98
CA GLY D 214 36.41 -19.19 -15.14
C GLY D 214 36.80 -18.86 -13.71
N ASP D 215 37.08 -19.90 -12.93
CA ASP D 215 37.43 -19.71 -11.53
C ASP D 215 38.59 -20.59 -11.03
N SER D 216 38.90 -21.68 -11.74
CA SER D 216 39.96 -22.58 -11.22
C SER D 216 41.04 -23.02 -12.22
N GLY D 217 41.93 -23.84 -11.71
CA GLY D 217 43.07 -24.36 -12.44
C GLY D 217 42.74 -24.93 -13.80
N ASN D 218 41.63 -25.65 -13.91
CA ASN D 218 41.28 -26.24 -15.19
C ASN D 218 40.76 -25.22 -16.19
N ASP D 219 40.80 -23.94 -15.80
CA ASP D 219 40.37 -22.84 -16.68
C ASP D 219 41.57 -22.01 -17.14
N ALA D 220 42.75 -22.31 -16.61
CA ALA D 220 43.98 -21.56 -16.93
C ALA D 220 44.28 -21.38 -18.42
N GLU D 221 44.33 -22.48 -19.17
CA GLU D 221 44.62 -22.40 -20.60
C GLU D 221 43.55 -21.60 -21.34
N MET D 222 42.29 -21.85 -21.00
CA MET D 222 41.18 -21.16 -21.63
C MET D 222 41.26 -19.64 -21.44
N LEU D 223 41.54 -19.22 -20.21
CA LEU D 223 41.60 -17.80 -19.90
C LEU D 223 42.81 -17.07 -20.50
N LYS D 224 43.89 -17.80 -20.71
CA LYS D 224 45.08 -17.19 -21.32
C LYS D 224 44.82 -16.99 -22.81
N MET D 225 44.16 -17.95 -23.42
CA MET D 225 43.87 -17.93 -24.85
C MET D 225 42.83 -16.89 -25.28
N ALA D 226 41.74 -16.76 -24.53
CA ALA D 226 40.69 -15.81 -24.88
C ALA D 226 41.13 -14.35 -24.76
N ARG D 227 40.73 -13.53 -25.74
CA ARG D 227 41.06 -12.11 -25.73
C ARG D 227 40.37 -11.44 -24.53
N TYR D 228 39.11 -11.79 -24.31
CA TYR D 228 38.37 -11.22 -23.17
C TYR D 228 38.19 -12.27 -22.08
N SER D 229 39.22 -12.40 -21.25
CA SER D 229 39.24 -13.36 -20.14
C SER D 229 38.78 -12.75 -18.83
N PHE D 230 37.88 -13.45 -18.16
CA PHE D 230 37.33 -12.98 -16.88
C PHE D 230 37.48 -13.99 -15.76
N ALA D 231 38.01 -13.52 -14.63
CA ALA D 231 38.18 -14.37 -13.46
C ALA D 231 37.04 -14.04 -12.49
N MET D 232 36.29 -15.06 -12.08
CA MET D 232 35.18 -14.86 -11.15
C MET D 232 35.75 -14.26 -9.87
N GLY D 233 34.92 -13.55 -9.11
CA GLY D 233 35.39 -12.96 -7.87
C GLY D 233 35.86 -14.02 -6.87
N ASN D 234 35.30 -15.21 -6.96
CA ASN D 234 35.68 -16.30 -6.04
C ASN D 234 36.84 -17.15 -6.59
N ALA D 235 37.39 -16.75 -7.72
CA ALA D 235 38.47 -17.48 -8.35
C ALA D 235 39.77 -17.59 -7.55
N ALA D 236 40.54 -18.63 -7.84
CA ALA D 236 41.83 -18.82 -7.20
C ALA D 236 42.69 -17.64 -7.62
N GLU D 237 43.64 -17.26 -6.77
CA GLU D 237 44.51 -16.13 -7.07
C GLU D 237 45.27 -16.21 -8.39
N ASN D 238 45.82 -17.37 -8.73
CA ASN D 238 46.57 -17.48 -9.98
C ASN D 238 45.68 -17.27 -11.19
N ILE D 239 44.40 -17.61 -11.06
CA ILE D 239 43.46 -17.44 -12.15
C ILE D 239 43.18 -15.94 -12.31
N LYS D 240 43.12 -15.23 -11.19
CA LYS D 240 42.88 -13.79 -11.24
C LYS D 240 44.06 -13.11 -11.93
N GLN D 241 45.26 -13.66 -11.73
CA GLN D 241 46.46 -13.09 -12.34
C GLN D 241 46.51 -13.36 -13.84
N ILE D 242 45.94 -14.49 -14.26
CA ILE D 242 45.91 -14.85 -15.67
C ILE D 242 44.86 -14.06 -16.46
N ALA D 243 43.65 -13.97 -15.92
CA ALA D 243 42.57 -13.26 -16.59
C ALA D 243 42.81 -11.75 -16.67
N ARG D 244 42.45 -11.14 -17.79
CA ARG D 244 42.63 -9.70 -17.95
C ARG D 244 41.63 -8.92 -17.10
N TYR D 245 40.41 -9.45 -16.99
CA TYR D 245 39.38 -8.78 -16.22
C TYR D 245 38.84 -9.62 -15.08
N ALA D 246 37.92 -9.01 -14.34
CA ALA D 246 37.29 -9.66 -13.21
C ALA D 246 35.79 -9.47 -13.39
N THR D 247 35.03 -10.22 -12.60
CA THR D 247 33.59 -10.09 -12.62
C THR D 247 33.16 -10.52 -11.23
N ASP D 248 31.88 -10.39 -10.92
CA ASP D 248 31.41 -10.74 -9.59
C ASP D 248 31.58 -12.24 -9.34
N ASP D 249 31.37 -12.67 -8.09
CA ASP D 249 31.52 -14.08 -7.74
C ASP D 249 30.35 -14.93 -8.25
N ASN D 250 30.49 -16.25 -8.14
CA ASN D 250 29.47 -17.18 -8.64
C ASN D 250 28.15 -17.16 -7.87
N ASN D 251 28.15 -16.59 -6.68
CA ASN D 251 26.91 -16.52 -5.92
C ASN D 251 26.13 -15.27 -6.26
N HIS D 252 26.71 -14.45 -7.13
CA HIS D 252 26.08 -13.22 -7.57
C HIS D 252 26.07 -13.02 -9.08
N GLU D 253 25.66 -14.07 -9.79
CA GLU D 253 25.54 -14.06 -11.25
C GLU D 253 26.70 -13.43 -12.00
N GLY D 254 27.91 -13.64 -11.49
CA GLY D 254 29.09 -13.07 -12.13
C GLY D 254 29.24 -13.33 -13.60
N ALA D 255 28.89 -14.54 -14.04
CA ALA D 255 29.01 -14.89 -15.45
C ALA D 255 27.94 -14.19 -16.29
N LEU D 256 26.74 -14.05 -15.73
CA LEU D 256 25.67 -13.38 -16.47
C LEU D 256 25.97 -11.89 -16.61
N ASN D 257 26.70 -11.35 -15.63
CA ASN D 257 27.06 -9.93 -15.70
C ASN D 257 28.02 -9.69 -16.87
N VAL D 258 28.88 -10.67 -17.17
CA VAL D 258 29.79 -10.51 -18.29
C VAL D 258 28.96 -10.56 -19.58
N ILE D 259 28.04 -11.52 -19.66
CA ILE D 259 27.19 -11.66 -20.83
C ILE D 259 26.42 -10.35 -21.07
N GLN D 260 26.03 -9.69 -19.98
CA GLN D 260 25.27 -8.44 -20.11
C GLN D 260 26.13 -7.31 -20.67
N ALA D 261 27.42 -7.31 -20.32
CA ALA D 261 28.35 -6.30 -20.80
C ALA D 261 28.52 -6.43 -22.32
N VAL D 262 28.56 -7.67 -22.80
CA VAL D 262 28.69 -7.93 -24.22
C VAL D 262 27.44 -7.42 -24.92
N LEU D 263 26.29 -7.77 -24.36
CA LEU D 263 25.00 -7.36 -24.92
C LEU D 263 24.77 -5.86 -24.89
N ASP D 264 25.14 -5.21 -23.79
CA ASP D 264 24.95 -3.76 -23.64
C ASP D 264 26.07 -2.97 -24.29
N ASN D 265 27.12 -3.66 -24.70
CA ASN D 265 28.27 -3.00 -25.31
C ASN D 265 28.89 -1.99 -24.35
N THR D 266 29.04 -2.38 -23.09
CA THR D 266 29.65 -1.52 -22.09
C THR D 266 31.02 -2.08 -21.80
N TYR D 267 31.84 -1.31 -21.08
CA TYR D 267 33.20 -1.73 -20.74
C TYR D 267 33.20 -3.19 -20.26
N PRO D 268 34.19 -3.97 -20.70
CA PRO D 268 35.30 -3.63 -21.61
C PRO D 268 34.97 -3.84 -23.09
N PHE D 269 33.69 -3.83 -23.42
CA PHE D 269 33.27 -4.02 -24.79
C PHE D 269 32.83 -2.70 -25.42
N ASN D 270 33.53 -1.63 -25.02
CA ASN D 270 33.32 -0.24 -25.46
C ASN D 270 32.81 0.69 -24.35
MG MG E . -0.21 15.90 -9.98
MG MG F . -33.30 50.66 34.56
MG MG G . 8.18 -39.55 -2.90
C1 GOL H . 9.58 -30.68 -1.77
O1 GOL H . 9.84 -29.10 -1.59
C2 GOL H . 8.53 -31.38 -1.20
O2 GOL H . 8.47 -31.19 0.12
C3 GOL H . 7.92 -31.97 -2.03
O3 GOL H . 7.50 -32.53 -3.41
MG MG I . 35.02 -24.03 -12.02
C1 GOL J . 35.47 -31.99 -12.41
O1 GOL J . 36.13 -30.75 -13.18
C2 GOL J . 35.91 -32.49 -11.18
O2 GOL J . 36.85 -31.72 -10.65
C3 GOL J . 35.36 -33.53 -10.92
O3 GOL J . 34.40 -34.73 -11.06
#